data_7UOH
#
_entry.id   7UOH
#
_cell.length_a   104.638
_cell.length_b   138.100
_cell.length_c   179.319
_cell.angle_alpha   90.000
_cell.angle_beta   90.000
_cell.angle_gamma   90.000
#
_symmetry.space_group_name_H-M   'I 2 2 2'
#
loop_
_entity.id
_entity.type
_entity.pdbx_description
1 polymer 'Protein arginine N-methyltransferase 5'
2 polymer 'Methylosome protein 50'
3 non-polymer (2M)-2-[(4M)-4-{4-(aminomethyl)-1-oxo-8-[(2R)-oxolan-2-yl]-1,2-dihydrophthalazin-6-yl}-1-methyl-1H-pyrazol-5-yl]-1-benzothiophene-3-carbonitrile
4 non-polymer "5'-DEOXY-5'-METHYLTHIOADENOSINE"
5 water water
#
loop_
_entity_poly.entity_id
_entity_poly.type
_entity_poly.pdbx_seq_one_letter_code
_entity_poly.pdbx_strand_id
1 'polypeptide(L)'
;MDYKDDDDKAAMAVGGAGGSRVSSGRDLNCVPEIADTLGAVAKQGFDFLCMPVFHPRFKREFIQEPAKNRPGPQTRSDLL
LSGRDWNTLIVGKLSPWIRPDSKVEKIRRNSEAAMLQELNFGAYLGLPAFLLPLNQEDNTNLARVLTNHIHTGHHSSMFW
MRVPLVAPEDLRDDIIENAPTTHTEEYSGEEKTWMWWHNFRTLCDYSKRIAVALEIGADLPSNHVIDRWLGEPIKAAILP
TSIFLTNKKGFPVLSKMHQRLIFRLLKLEVQFIITGTNHHSEKEFCSYLQYLEYLSQNRPPPNAYELFAKGYEDYLQSPL
QPLMDNLESQTYEVFEKDPIKYSQYQQAIYKCLLDRVPEEEKDTNVQVLMVLGAGRGPLVNASLRAAKQADRRIKLYAVE
KNPNAVVTLENWQFEEWGSQVTVVSSDMREWVAPEKADIIVSELLGSFADNELSPECLDGAQHFLKDDGVSIPGEYTSFL
APISSSKLYNEVRACREKDRDPEAQFEMPYVVRLHNFHQLSAPQPCFTFSHPNRDPMIDNNRYCTLEFPVEVNTVLHGFA
GYFETVLYQDITLSIRPETHSPGMFSWFPILFPIKQPITVREGQTICVRFWRCSNSKKVWYEWAVTAPVCSAIHNPTGRS
YTIGL
;
A
2 'polypeptide(L)'
;MHHHHHHHHRKETPPPLVPPAAREWNLPPNAPACMERQLEAARYRSDGALLLGASSLSGRCWAGSLWLFKDPCAAPNEGF
CSAGVQTEAGVADLTWVGERGILVASDSGAVELWELDENETLIVSKFCKYEHDDIVSTVSVLSSGTQAVSGSKDICIKVW
DLAQQVVLSSYRAHAAQVTCVAASPHKDSVFLSCSEDNRILLWDTRCPKPASQIGCSAPGYLPTSLAWHPQQSEVFVFGD
ENGTVSLVDTKSTSCVLSSAVHSQCVTGLVFSPHSVPFLASLSEDCSLAVLDSSLSELFRSQAHRDFVRDATWSPLNHSL
LTTVGWDHQVVHHVVPTEPLPAPGPASVTE
;
B
#
loop_
_chem_comp.id
_chem_comp.type
_chem_comp.name
_chem_comp.formula
MTA non-polymer 5'-DEOXY-5'-METHYLTHIOADENOSINE 'C11 H15 N5 O3 S'
NXF non-polymer (2M)-2-[(4M)-4-{4-(aminomethyl)-1-oxo-8-[(2R)-oxolan-2-yl]-1,2-dihydrophthalazin-6-yl}-1-methyl-1H-pyrazol-5-yl]-1-benzothiophene-3-carbonitrile 'C26 H22 N6 O2 S'
#
# COMPACT_ATOMS: atom_id res chain seq x y z
N ARG A 21 -8.39 -11.11 -15.53
CA ARG A 21 -9.14 -9.96 -15.06
C ARG A 21 -8.47 -9.32 -13.85
N VAL A 22 -7.68 -8.28 -14.10
CA VAL A 22 -6.98 -7.54 -13.05
C VAL A 22 -7.58 -6.14 -12.97
N SER A 23 -7.71 -5.64 -11.74
CA SER A 23 -8.21 -4.28 -11.49
C SER A 23 -6.99 -3.37 -11.40
N SER A 24 -6.67 -2.69 -12.49
CA SER A 24 -5.48 -1.87 -12.57
C SER A 24 -5.83 -0.39 -12.68
N GLY A 25 -4.93 0.45 -12.18
CA GLY A 25 -5.10 1.88 -12.25
C GLY A 25 -3.84 2.55 -12.77
N ARG A 26 -4.01 3.76 -13.28
CA ARG A 26 -2.92 4.55 -13.83
C ARG A 26 -2.67 5.76 -12.93
N ASP A 27 -1.41 5.95 -12.54
CA ASP A 27 -1.02 7.06 -11.69
C ASP A 27 -0.45 8.18 -12.55
N LEU A 28 -0.97 9.39 -12.36
CA LEU A 28 -0.53 10.55 -13.13
C LEU A 28 -0.33 11.74 -12.19
N ASN A 29 0.63 12.59 -12.54
CA ASN A 29 0.83 13.85 -11.85
C ASN A 29 0.64 15.05 -12.78
N CYS A 30 0.13 14.82 -13.98
CA CYS A 30 -0.04 15.89 -14.97
C CYS A 30 -1.30 15.59 -15.77
N VAL A 31 -2.34 16.39 -15.55
CA VAL A 31 -3.61 16.22 -16.26
C VAL A 31 -3.98 17.55 -16.91
N PRO A 32 -3.74 17.72 -18.22
CA PRO A 32 -4.14 18.98 -18.87
C PRO A 32 -5.65 19.17 -18.92
N GLU A 33 -6.40 18.11 -19.26
CA GLU A 33 -7.86 18.17 -19.26
C GLU A 33 -8.40 16.84 -18.79
N ILE A 34 -9.31 16.88 -17.82
CA ILE A 34 -9.81 15.65 -17.21
C ILE A 34 -10.55 14.81 -18.23
N ALA A 35 -11.43 15.43 -19.03
CA ALA A 35 -12.20 14.69 -20.01
C ALA A 35 -11.29 13.99 -21.02
N ASP A 36 -10.26 14.70 -21.51
CA ASP A 36 -9.36 14.11 -22.49
C ASP A 36 -8.46 13.06 -21.86
N THR A 37 -7.97 13.31 -20.65
CA THR A 37 -7.09 12.36 -19.98
C THR A 37 -7.83 11.07 -19.63
N LEU A 38 -9.00 11.19 -19.00
CA LEU A 38 -9.73 10.01 -18.55
C LEU A 38 -10.12 9.11 -19.72
N GLY A 39 -10.41 9.70 -20.88
CA GLY A 39 -10.74 8.89 -22.03
C GLY A 39 -9.54 8.10 -22.55
N ALA A 40 -8.38 8.76 -22.66
CA ALA A 40 -7.19 8.07 -23.11
C ALA A 40 -6.75 7.00 -22.12
N VAL A 41 -7.05 7.19 -20.84
CA VAL A 41 -6.69 6.18 -19.84
C VAL A 41 -7.56 4.95 -20.00
N ALA A 42 -8.88 5.14 -20.11
CA ALA A 42 -9.78 4.00 -20.23
C ALA A 42 -9.58 3.26 -21.55
N LYS A 43 -9.29 3.99 -22.63
CA LYS A 43 -9.07 3.34 -23.92
C LYS A 43 -7.85 2.43 -23.89
N GLN A 44 -6.85 2.78 -23.07
CA GLN A 44 -5.69 1.91 -22.89
C GLN A 44 -6.03 0.67 -22.08
N GLY A 45 -7.16 0.67 -21.37
CA GLY A 45 -7.61 -0.50 -20.64
C GLY A 45 -7.59 -0.41 -19.13
N PHE A 46 -7.43 0.77 -18.55
CA PHE A 46 -7.40 0.90 -17.11
C PHE A 46 -8.80 0.97 -16.52
N ASP A 47 -8.90 0.73 -15.22
CA ASP A 47 -10.17 0.79 -14.50
C ASP A 47 -10.36 2.08 -13.71
N PHE A 48 -9.27 2.74 -13.31
CA PHE A 48 -9.38 4.00 -12.61
C PHE A 48 -8.10 4.81 -12.84
N LEU A 49 -8.06 5.99 -12.22
CA LEU A 49 -6.99 6.95 -12.47
C LEU A 49 -6.64 7.65 -11.17
N CYS A 50 -5.35 7.75 -10.88
CA CYS A 50 -4.83 8.52 -9.75
C CYS A 50 -4.31 9.85 -10.29
N MET A 51 -4.93 10.95 -9.86
CA MET A 51 -4.59 12.27 -10.34
C MET A 51 -4.72 13.26 -9.19
N PRO A 52 -4.04 14.40 -9.27
CA PRO A 52 -4.18 15.40 -8.21
C PRO A 52 -5.46 16.23 -8.38
N VAL A 53 -6.10 16.53 -7.25
CA VAL A 53 -7.32 17.32 -7.28
C VAL A 53 -7.03 18.81 -7.34
N PHE A 54 -5.84 19.22 -6.92
CA PHE A 54 -5.29 20.54 -7.18
C PHE A 54 -4.02 20.37 -7.99
N HIS A 55 -3.61 21.42 -8.69
CA HIS A 55 -2.37 21.36 -9.45
C HIS A 55 -1.21 21.06 -8.51
N PRO A 56 -0.33 20.12 -8.84
CA PRO A 56 0.76 19.77 -7.91
C PRO A 56 1.68 20.93 -7.57
N ARG A 57 1.85 21.89 -8.48
CA ARG A 57 2.71 23.05 -8.25
C ARG A 57 1.98 24.26 -7.72
N PHE A 58 0.65 24.18 -7.56
CA PHE A 58 -0.15 25.33 -7.15
C PHE A 58 -0.09 25.49 -5.64
N LYS A 59 1.05 25.96 -5.17
CA LYS A 59 1.23 26.25 -3.75
C LYS A 59 0.27 27.36 -3.32
N ARG A 60 -0.26 27.24 -2.10
CA ARG A 60 -1.27 28.17 -1.62
C ARG A 60 -0.94 28.64 -0.21
N GLU A 61 -1.13 29.93 0.03
CA GLU A 61 -0.89 30.54 1.34
C GLU A 61 -2.21 30.74 2.08
N PHE A 62 -2.20 30.47 3.38
CA PHE A 62 -3.41 30.52 4.19
C PHE A 62 -3.37 31.52 5.34
N ILE A 63 -2.24 32.19 5.58
CA ILE A 63 -2.14 33.05 6.76
C ILE A 63 -1.61 34.43 6.38
N GLN A 64 -0.51 34.49 5.65
CA GLN A 64 0.19 35.75 5.41
C GLN A 64 -0.31 36.43 4.14
N GLU A 65 -0.50 37.73 4.22
CA GLU A 65 -0.86 38.55 3.07
C GLU A 65 0.40 38.96 2.31
N PRO A 66 0.27 39.29 1.02
CA PRO A 66 -0.94 39.33 0.19
C PRO A 66 -1.27 38.01 -0.50
N ALA A 67 -0.50 36.95 -0.23
CA ALA A 67 -0.66 35.72 -1.00
C ALA A 67 -1.94 34.98 -0.65
N LYS A 68 -2.45 35.14 0.59
CA LYS A 68 -3.64 34.42 1.00
C LYS A 68 -4.88 34.89 0.25
N ASN A 69 -4.90 36.12 -0.25
CA ASN A 69 -6.04 36.66 -0.98
C ASN A 69 -5.96 36.41 -2.48
N ARG A 70 -5.33 35.32 -2.89
CA ARG A 70 -5.24 34.98 -4.30
C ARG A 70 -6.62 34.70 -4.88
N PRO A 71 -7.04 35.41 -5.92
CA PRO A 71 -8.38 35.18 -6.48
C PRO A 71 -8.48 33.80 -7.12
N GLY A 72 -9.67 33.22 -7.01
CA GLY A 72 -9.91 31.87 -7.48
C GLY A 72 -10.17 31.80 -8.97
N PRO A 73 -10.61 30.63 -9.45
CA PRO A 73 -10.90 29.38 -8.72
C PRO A 73 -9.66 28.66 -8.20
N GLN A 74 -9.75 27.97 -7.06
CA GLN A 74 -8.58 27.32 -6.49
C GLN A 74 -8.24 26.01 -7.19
N THR A 75 -9.15 25.44 -7.96
CA THR A 75 -8.88 24.20 -8.69
C THR A 75 -9.95 24.03 -9.77
N ARG A 76 -10.03 22.81 -10.32
CA ARG A 76 -10.97 22.50 -11.37
C ARG A 76 -12.40 22.41 -10.83
N SER A 77 -13.35 22.54 -11.75
CA SER A 77 -14.76 22.47 -11.39
C SER A 77 -15.21 21.02 -11.30
N ASP A 78 -16.05 20.74 -10.30
CA ASP A 78 -16.60 19.40 -10.11
C ASP A 78 -17.57 19.00 -11.20
N LEU A 79 -18.04 19.95 -12.02
CA LEU A 79 -18.95 19.63 -13.11
C LEU A 79 -18.28 18.92 -14.28
N LEU A 80 -16.94 18.88 -14.31
CA LEU A 80 -16.22 18.29 -15.43
C LEU A 80 -16.38 16.77 -15.51
N LEU A 81 -16.90 16.13 -14.46
CA LEU A 81 -17.20 14.71 -14.50
C LEU A 81 -18.55 14.47 -13.83
N SER A 82 -19.18 13.36 -14.17
CA SER A 82 -20.41 12.96 -13.52
C SER A 82 -20.12 12.48 -12.10
N GLY A 83 -21.15 12.55 -11.25
CA GLY A 83 -21.01 12.05 -9.90
C GLY A 83 -20.58 10.59 -9.86
N ARG A 84 -21.08 9.79 -10.80
CA ARG A 84 -20.67 8.40 -10.89
C ARG A 84 -19.20 8.27 -11.24
N ASP A 85 -18.68 9.18 -12.06
CA ASP A 85 -17.27 9.11 -12.44
C ASP A 85 -16.36 9.48 -11.27
N TRP A 86 -16.72 10.53 -10.53
CA TRP A 86 -15.96 10.85 -9.32
C TRP A 86 -16.04 9.72 -8.29
N ASN A 87 -17.16 8.99 -8.26
CA ASN A 87 -17.34 7.95 -7.25
C ASN A 87 -16.52 6.70 -7.57
N THR A 88 -16.26 6.43 -8.84
CA THR A 88 -15.71 5.13 -9.23
C THR A 88 -14.42 5.19 -10.04
N LEU A 89 -14.05 6.33 -10.60
CA LEU A 89 -12.93 6.39 -11.53
C LEU A 89 -11.72 7.16 -11.02
N ILE A 90 -11.91 8.13 -10.13
CA ILE A 90 -10.85 9.05 -9.74
C ILE A 90 -10.35 8.70 -8.36
N VAL A 91 -9.03 8.69 -8.19
CA VAL A 91 -8.38 8.57 -6.89
C VAL A 91 -7.55 9.83 -6.68
N GLY A 92 -7.81 10.52 -5.58
CA GLY A 92 -7.14 11.78 -5.33
C GLY A 92 -5.75 11.61 -4.75
N LYS A 93 -4.86 12.53 -5.14
CA LYS A 93 -3.48 12.54 -4.67
C LYS A 93 -3.23 13.82 -3.90
N LEU A 94 -2.65 13.70 -2.70
CA LEU A 94 -2.24 14.87 -1.94
C LEU A 94 -1.12 15.59 -2.67
N SER A 95 -1.16 16.92 -2.66
CA SER A 95 -0.16 17.70 -3.36
C SER A 95 1.21 17.48 -2.73
N PRO A 96 2.28 17.36 -3.53
CA PRO A 96 3.58 16.96 -2.96
C PRO A 96 4.23 18.02 -2.10
N TRP A 97 3.84 19.29 -2.24
CA TRP A 97 4.44 20.35 -1.43
C TRP A 97 3.90 20.40 -0.01
N ILE A 98 2.84 19.65 0.29
CA ILE A 98 2.22 19.68 1.61
C ILE A 98 3.05 18.81 2.54
N ARG A 99 3.77 19.45 3.47
CA ARG A 99 4.63 18.76 4.42
C ARG A 99 4.22 19.15 5.83
N PRO A 100 3.25 18.45 6.43
CA PRO A 100 2.81 18.81 7.79
C PRO A 100 3.84 18.55 8.86
N ASP A 101 4.93 17.85 8.56
CA ASP A 101 5.96 17.56 9.55
C ASP A 101 7.26 18.30 9.26
N SER A 102 7.20 19.35 8.43
CA SER A 102 8.37 20.18 8.20
C SER A 102 8.85 20.79 9.50
N LYS A 103 10.16 21.01 9.59
CA LYS A 103 10.72 21.64 10.78
C LYS A 103 10.51 23.14 10.81
N VAL A 104 10.01 23.71 9.72
CA VAL A 104 9.64 25.12 9.67
C VAL A 104 8.19 25.26 10.14
N GLU A 105 7.95 26.14 11.11
CA GLU A 105 6.60 26.29 11.65
C GLU A 105 5.65 26.89 10.62
N LYS A 106 6.10 27.91 9.88
CA LYS A 106 5.25 28.51 8.85
C LYS A 106 4.81 27.48 7.82
N ILE A 107 5.67 26.52 7.51
CA ILE A 107 5.31 25.50 6.53
C ILE A 107 4.36 24.48 7.13
N ARG A 108 4.48 24.20 8.43
CA ARG A 108 3.54 23.29 9.07
C ARG A 108 2.13 23.84 9.04
N ARG A 109 1.98 25.12 9.41
CA ARG A 109 0.64 25.73 9.45
C ARG A 109 -0.03 25.68 8.09
N ASN A 110 0.70 26.08 7.04
CA ASN A 110 0.12 26.06 5.70
C ASN A 110 -0.21 24.64 5.26
N SER A 111 0.62 23.67 5.64
CA SER A 111 0.37 22.29 5.23
C SER A 111 -0.86 21.72 5.92
N GLU A 112 -1.03 22.01 7.21
CA GLU A 112 -2.22 21.56 7.93
C GLU A 112 -3.48 22.08 7.26
N ALA A 113 -3.51 23.38 6.94
CA ALA A 113 -4.68 23.97 6.29
C ALA A 113 -4.86 23.43 4.88
N ALA A 114 -3.76 23.24 4.15
CA ALA A 114 -3.88 22.74 2.78
C ALA A 114 -4.30 21.27 2.77
N MET A 115 -3.80 20.48 3.71
CA MET A 115 -4.20 19.09 3.78
C MET A 115 -5.69 18.97 4.10
N LEU A 116 -6.16 19.73 5.09
CA LEU A 116 -7.60 19.75 5.38
C LEU A 116 -8.40 20.19 4.17
N GLN A 117 -7.87 21.16 3.41
CA GLN A 117 -8.58 21.64 2.23
C GLN A 117 -8.66 20.56 1.15
N GLU A 118 -7.51 19.95 0.82
CA GLU A 118 -7.52 18.94 -0.23
C GLU A 118 -8.33 17.71 0.16
N LEU A 119 -8.20 17.27 1.42
CA LEU A 119 -8.98 16.13 1.87
C LEU A 119 -10.47 16.44 1.85
N ASN A 120 -10.87 17.62 2.36
CA ASN A 120 -12.28 17.97 2.38
C ASN A 120 -12.83 18.11 0.96
N PHE A 121 -12.02 18.58 0.01
CA PHE A 121 -12.48 18.65 -1.37
C PHE A 121 -12.66 17.24 -1.94
N GLY A 122 -11.73 16.34 -1.63
CA GLY A 122 -11.91 14.95 -2.05
C GLY A 122 -13.18 14.34 -1.50
N ALA A 123 -13.49 14.63 -0.24
CA ALA A 123 -14.74 14.16 0.34
C ALA A 123 -15.93 14.85 -0.33
N TYR A 124 -15.78 16.12 -0.70
CA TYR A 124 -16.82 16.83 -1.42
C TYR A 124 -17.13 16.14 -2.74
N LEU A 125 -16.11 15.62 -3.40
CA LEU A 125 -16.28 14.92 -4.68
C LEU A 125 -16.78 13.50 -4.53
N GLY A 126 -16.80 12.96 -3.31
CA GLY A 126 -17.13 11.56 -3.13
C GLY A 126 -16.12 10.59 -3.71
N LEU A 127 -14.84 10.94 -3.68
CA LEU A 127 -13.83 10.09 -4.26
C LEU A 127 -13.74 8.77 -3.49
N PRO A 128 -13.55 7.64 -4.18
CA PRO A 128 -13.48 6.36 -3.44
C PRO A 128 -12.23 6.21 -2.59
N ALA A 129 -11.13 6.86 -2.96
CA ALA A 129 -9.90 6.72 -2.19
C ALA A 129 -9.01 7.93 -2.44
N PHE A 130 -8.12 8.18 -1.48
CA PHE A 130 -7.23 9.32 -1.49
C PHE A 130 -5.82 8.86 -1.12
N LEU A 131 -4.82 9.34 -1.87
CA LEU A 131 -3.45 8.88 -1.73
C LEU A 131 -2.62 9.86 -0.92
N LEU A 132 -1.96 9.36 0.13
CA LEU A 132 -1.06 10.16 0.94
C LEU A 132 0.28 9.45 1.06
N PRO A 133 1.39 10.19 0.99
CA PRO A 133 2.71 9.56 0.99
C PRO A 133 3.27 9.37 2.40
N LEU A 134 3.98 8.25 2.56
CA LEU A 134 4.86 8.02 3.71
C LEU A 134 6.27 7.89 3.13
N ASN A 135 7.03 8.98 3.16
CA ASN A 135 8.38 8.99 2.62
C ASN A 135 9.42 9.44 3.62
N GLN A 136 9.05 9.60 4.89
CA GLN A 136 10.02 9.88 5.94
C GLN A 136 9.57 9.17 7.21
N GLU A 137 10.38 9.31 8.26
CA GLU A 137 10.12 8.57 9.50
C GLU A 137 9.05 9.26 10.34
N ASP A 138 9.11 10.59 10.47
CA ASP A 138 8.21 11.34 11.34
C ASP A 138 7.05 11.86 10.51
N ASN A 139 5.91 11.18 10.63
CA ASN A 139 4.66 11.62 10.03
C ASN A 139 3.61 11.86 11.11
N THR A 140 4.04 12.33 12.28
CA THR A 140 3.14 12.46 13.42
C THR A 140 2.05 13.48 13.15
N ASN A 141 2.44 14.68 12.71
CA ASN A 141 1.43 15.69 12.42
C ASN A 141 0.57 15.28 11.23
N LEU A 142 1.16 14.63 10.23
CA LEU A 142 0.38 14.09 9.13
C LEU A 142 -0.70 13.14 9.65
N ALA A 143 -0.37 12.36 10.68
CA ALA A 143 -1.36 11.45 11.25
C ALA A 143 -2.45 12.19 12.00
N ARG A 144 -2.09 13.25 12.73
CA ARG A 144 -3.09 13.99 13.49
C ARG A 144 -4.09 14.67 12.57
N VAL A 145 -3.60 15.33 11.51
CA VAL A 145 -4.50 16.02 10.59
C VAL A 145 -5.44 15.04 9.93
N LEU A 146 -4.93 13.87 9.52
CA LEU A 146 -5.78 12.86 8.91
C LEU A 146 -6.79 12.31 9.90
N THR A 147 -6.35 12.03 11.13
CA THR A 147 -7.26 11.52 12.15
C THR A 147 -8.38 12.53 12.42
N ASN A 148 -8.04 13.82 12.52
CA ASN A 148 -9.06 14.84 12.69
C ASN A 148 -10.05 14.83 11.54
N HIS A 149 -9.56 14.66 10.31
CA HIS A 149 -10.45 14.60 9.15
C HIS A 149 -11.38 13.40 9.24
N ILE A 150 -10.88 12.27 9.76
CA ILE A 150 -11.68 11.05 9.81
C ILE A 150 -12.83 11.20 10.80
N HIS A 151 -12.58 11.83 11.94
CA HIS A 151 -13.58 12.08 12.96
C HIS A 151 -14.42 13.33 12.66
N THR A 152 -14.55 13.67 11.38
CA THR A 152 -15.40 14.79 10.93
C THR A 152 -16.39 14.19 9.93
N GLY A 153 -17.55 13.74 10.42
CA GLY A 153 -18.50 13.03 9.58
C GLY A 153 -18.11 11.59 9.31
N HIS A 154 -19.08 10.68 9.36
CA HIS A 154 -18.84 9.27 9.11
C HIS A 154 -18.93 9.01 7.61
N HIS A 155 -17.83 8.54 7.02
CA HIS A 155 -17.79 8.23 5.60
C HIS A 155 -17.04 6.93 5.38
N SER A 156 -17.18 6.39 4.17
CA SER A 156 -16.55 5.14 3.79
C SER A 156 -15.30 5.32 2.95
N SER A 157 -14.92 6.56 2.64
CA SER A 157 -13.80 6.82 1.74
C SER A 157 -12.50 6.26 2.32
N MET A 158 -11.69 5.66 1.46
CA MET A 158 -10.45 5.03 1.86
C MET A 158 -9.26 5.99 1.70
N PHE A 159 -8.23 5.75 2.51
CA PHE A 159 -6.99 6.52 2.43
C PHE A 159 -5.85 5.53 2.20
N TRP A 160 -5.24 5.61 1.02
CA TRP A 160 -4.12 4.75 0.66
C TRP A 160 -2.82 5.44 1.03
N MET A 161 -2.11 4.88 2.01
CA MET A 161 -0.79 5.40 2.40
C MET A 161 0.26 4.85 1.44
N ARG A 162 0.83 5.72 0.62
CA ARG A 162 1.88 5.33 -0.32
C ARG A 162 3.18 5.15 0.45
N VAL A 163 3.68 3.92 0.49
CA VAL A 163 4.91 3.62 1.24
C VAL A 163 5.78 2.70 0.40
N PRO A 164 7.06 3.02 0.20
CA PRO A 164 7.92 2.18 -0.63
C PRO A 164 8.39 0.93 0.10
N LEU A 165 8.61 -0.12 -0.68
CA LEU A 165 9.26 -1.31 -0.14
C LEU A 165 10.64 -0.96 0.41
N VAL A 166 11.40 -0.18 -0.34
CA VAL A 166 12.74 0.27 0.06
C VAL A 166 12.76 1.78 0.05
N ALA A 167 13.19 2.37 1.16
CA ALA A 167 13.25 3.82 1.27
C ALA A 167 14.14 4.39 0.16
N PRO A 168 13.81 5.59 -0.35
CA PRO A 168 14.65 6.17 -1.42
C PRO A 168 16.10 6.33 -1.01
N GLU A 169 16.36 6.68 0.25
CA GLU A 169 17.73 6.84 0.72
C GLU A 169 18.51 5.53 0.63
N ASP A 170 17.85 4.40 0.83
CA ASP A 170 18.51 3.11 0.84
C ASP A 170 18.59 2.47 -0.54
N LEU A 171 18.22 3.21 -1.59
CA LEU A 171 18.37 2.71 -2.96
C LEU A 171 19.04 3.72 -3.88
N ARG A 172 19.54 4.83 -3.33
CA ARG A 172 20.23 5.81 -4.16
C ARG A 172 21.51 5.22 -4.73
N ASP A 173 21.91 5.72 -5.89
CA ASP A 173 23.15 5.28 -6.51
C ASP A 173 24.33 5.68 -5.63
N ASP A 174 25.35 4.81 -5.59
CA ASP A 174 26.54 5.06 -4.78
C ASP A 174 27.50 5.94 -5.56
N ILE A 175 27.06 7.19 -5.79
CA ILE A 175 27.81 8.13 -6.61
C ILE A 175 28.25 9.36 -5.85
N ILE A 176 27.83 9.54 -4.60
CA ILE A 176 28.33 10.63 -3.77
C ILE A 176 29.66 10.20 -3.18
N GLU A 177 30.73 10.92 -3.54
CA GLU A 177 32.08 10.45 -3.23
C GLU A 177 32.37 10.47 -1.74
N ASN A 178 31.94 11.52 -1.04
CA ASN A 178 32.20 11.66 0.39
C ASN A 178 31.04 11.19 1.25
N ALA A 179 30.12 10.40 0.68
CA ALA A 179 29.02 9.81 1.44
C ALA A 179 28.65 8.49 0.80
N PRO A 180 29.45 7.45 1.02
CA PRO A 180 29.18 6.16 0.38
C PRO A 180 28.00 5.45 1.02
N THR A 181 27.33 4.62 0.21
CA THR A 181 26.16 3.90 0.67
C THR A 181 26.58 2.74 1.58
N THR A 182 25.64 2.34 2.44
CA THR A 182 25.92 1.28 3.40
C THR A 182 26.10 -0.05 2.69
N HIS A 183 27.21 -0.73 2.96
CA HIS A 183 27.52 -2.02 2.35
C HIS A 183 27.46 -3.16 3.35
N THR A 184 26.97 -2.91 4.56
CA THR A 184 26.81 -3.94 5.58
C THR A 184 25.33 -4.11 5.90
N GLU A 185 24.92 -5.35 6.14
CA GLU A 185 23.51 -5.66 6.33
C GLU A 185 22.99 -5.05 7.62
N GLU A 186 21.93 -4.26 7.50
CA GLU A 186 21.21 -3.69 8.63
C GLU A 186 19.82 -4.35 8.65
N TYR A 187 19.71 -5.45 9.41
CA TYR A 187 18.50 -6.27 9.35
C TYR A 187 17.26 -5.45 9.70
N SER A 188 17.32 -4.66 10.78
CA SER A 188 16.18 -3.83 11.15
C SER A 188 16.11 -2.55 10.33
N GLY A 189 17.26 -2.02 9.90
CA GLY A 189 17.24 -0.83 9.07
C GLY A 189 16.58 -1.05 7.73
N GLU A 190 16.75 -2.25 7.16
CA GLU A 190 16.12 -2.59 5.89
C GLU A 190 14.62 -2.82 6.04
N GLU A 191 14.09 -2.77 7.26
CA GLU A 191 12.65 -2.83 7.51
C GLU A 191 12.09 -1.48 7.93
N LYS A 192 12.82 -0.39 7.65
CA LYS A 192 12.43 0.90 8.21
C LYS A 192 11.09 1.39 7.66
N THR A 193 10.79 1.12 6.40
CA THR A 193 9.55 1.63 5.81
C THR A 193 8.32 0.99 6.48
N TRP A 194 8.43 -0.29 6.85
CA TRP A 194 7.33 -0.89 7.60
C TRP A 194 7.15 -0.22 8.95
N MET A 195 8.25 0.19 9.58
CA MET A 195 8.13 0.92 10.84
C MET A 195 7.46 2.28 10.64
N TRP A 196 7.70 2.91 9.48
CA TRP A 196 6.96 4.13 9.14
C TRP A 196 5.46 3.87 9.14
N TRP A 197 5.03 2.84 8.41
CA TRP A 197 3.61 2.52 8.32
C TRP A 197 3.05 2.12 9.68
N HIS A 198 3.76 1.27 10.40
CA HIS A 198 3.27 0.79 11.69
C HIS A 198 3.06 1.94 12.68
N ASN A 199 4.02 2.86 12.74
CA ASN A 199 3.86 4.00 13.64
C ASN A 199 2.73 4.91 13.20
N PHE A 200 2.55 5.07 11.90
CA PHE A 200 1.47 5.93 11.41
C PHE A 200 0.11 5.35 11.75
N ARG A 201 -0.13 4.09 11.38
CA ARG A 201 -1.44 3.49 11.61
C ARG A 201 -1.73 3.31 13.09
N THR A 202 -0.69 3.19 13.93
CA THR A 202 -0.91 3.11 15.36
C THR A 202 -1.33 4.46 15.94
N LEU A 203 -0.74 5.54 15.45
CA LEU A 203 -1.19 6.87 15.84
C LEU A 203 -2.65 7.09 15.46
N CYS A 204 -3.08 6.53 14.34
CA CYS A 204 -4.44 6.66 13.84
C CYS A 204 -5.39 5.59 14.39
N ASP A 205 -4.94 4.83 15.39
CA ASP A 205 -5.80 3.91 16.14
C ASP A 205 -6.42 2.85 15.23
N TYR A 206 -5.66 2.39 14.25
CA TYR A 206 -6.05 1.26 13.39
C TYR A 206 -7.36 1.53 12.65
N SER A 207 -7.51 2.73 12.12
CA SER A 207 -8.73 3.10 11.40
C SER A 207 -8.92 2.21 10.18
N LYS A 208 -10.11 1.64 10.03
CA LYS A 208 -10.40 0.74 8.92
C LYS A 208 -10.35 1.44 7.56
N ARG A 209 -10.28 2.76 7.54
CA ARG A 209 -10.23 3.52 6.30
C ARG A 209 -8.81 3.78 5.82
N ILE A 210 -7.80 3.40 6.61
CA ILE A 210 -6.40 3.66 6.30
C ILE A 210 -5.76 2.35 5.88
N ALA A 211 -5.37 2.27 4.61
CA ALA A 211 -4.77 1.08 4.02
C ALA A 211 -3.40 1.43 3.44
N VAL A 212 -2.74 0.42 2.88
CA VAL A 212 -1.39 0.53 2.36
C VAL A 212 -1.42 0.46 0.84
N ALA A 213 -0.66 1.35 0.20
CA ALA A 213 -0.38 1.27 -1.23
C ALA A 213 1.13 1.03 -1.34
N LEU A 214 1.52 -0.24 -1.42
CA LEU A 214 2.93 -0.61 -1.39
C LEU A 214 3.57 -0.32 -2.74
N GLU A 215 4.71 0.38 -2.72
CA GLU A 215 5.41 0.79 -3.93
C GLU A 215 6.63 -0.11 -4.14
N ILE A 216 6.75 -0.67 -5.33
CA ILE A 216 7.74 -1.70 -5.63
C ILE A 216 8.92 -1.05 -6.34
N GLY A 217 10.11 -1.18 -5.74
CA GLY A 217 11.29 -0.58 -6.33
C GLY A 217 11.93 -1.43 -7.40
N ALA A 218 12.92 -0.86 -8.07
CA ALA A 218 13.65 -1.58 -9.12
C ALA A 218 14.44 -2.75 -8.56
N ASP A 219 14.96 -2.63 -7.34
CA ASP A 219 15.65 -3.72 -6.66
C ASP A 219 14.85 -4.12 -5.44
N LEU A 220 14.43 -5.38 -5.37
CA LEU A 220 13.66 -5.85 -4.23
C LEU A 220 14.56 -6.06 -3.02
N PRO A 221 14.03 -5.85 -1.81
CA PRO A 221 14.84 -6.09 -0.61
C PRO A 221 14.90 -7.57 -0.26
N SER A 222 15.37 -7.89 0.93
CA SER A 222 15.44 -9.27 1.38
C SER A 222 14.03 -9.83 1.59
N ASN A 223 13.95 -11.14 1.76
CA ASN A 223 12.66 -11.79 1.90
C ASN A 223 11.96 -11.38 3.19
N HIS A 224 12.72 -11.17 4.27
CA HIS A 224 12.11 -10.81 5.54
C HIS A 224 11.46 -9.44 5.50
N VAL A 225 11.82 -8.60 4.53
CA VAL A 225 11.16 -7.32 4.36
C VAL A 225 9.81 -7.50 3.68
N ILE A 226 9.73 -8.39 2.69
CA ILE A 226 8.45 -8.65 2.04
C ILE A 226 7.51 -9.39 2.98
N ASP A 227 8.04 -10.35 3.74
CA ASP A 227 7.23 -11.03 4.74
C ASP A 227 6.77 -10.09 5.84
N ARG A 228 7.44 -8.95 6.02
CA ARG A 228 6.96 -7.94 6.96
C ARG A 228 5.57 -7.45 6.59
N TRP A 229 5.30 -7.28 5.30
CA TRP A 229 4.02 -6.77 4.84
C TRP A 229 2.96 -7.85 4.74
N LEU A 230 3.28 -9.09 5.11
CA LEU A 230 2.24 -10.09 5.28
C LEU A 230 1.30 -9.67 6.41
N GLY A 231 0.00 -9.93 6.21
CA GLY A 231 -0.98 -9.55 7.19
C GLY A 231 -1.27 -8.07 7.28
N GLU A 232 -0.67 -7.26 6.42
CA GLU A 232 -0.98 -5.84 6.45
C GLU A 232 -2.08 -5.52 5.44
N PRO A 233 -2.92 -4.52 5.73
CA PRO A 233 -4.01 -4.18 4.81
C PRO A 233 -3.52 -3.54 3.52
N ILE A 234 -2.97 -4.34 2.62
CA ILE A 234 -2.49 -3.83 1.34
C ILE A 234 -3.65 -3.78 0.37
N LYS A 235 -4.04 -2.58 -0.04
CA LYS A 235 -5.08 -2.42 -1.04
C LYS A 235 -4.54 -2.21 -2.44
N ALA A 236 -3.35 -1.62 -2.59
CA ALA A 236 -2.81 -1.33 -3.90
C ALA A 236 -1.31 -1.62 -3.94
N ALA A 237 -0.84 -2.03 -5.11
CA ALA A 237 0.58 -2.22 -5.39
C ALA A 237 0.97 -1.32 -6.55
N ILE A 238 1.92 -0.42 -6.32
CA ILE A 238 2.34 0.56 -7.30
C ILE A 238 3.57 0.03 -8.03
N LEU A 239 3.47 -0.06 -9.35
CA LEU A 239 4.55 -0.59 -10.19
C LEU A 239 5.07 0.50 -11.11
N PRO A 240 6.26 1.05 -10.86
CA PRO A 240 6.82 2.03 -11.80
C PRO A 240 7.24 1.38 -13.09
N THR A 241 7.07 2.12 -14.19
CA THR A 241 7.48 1.62 -15.49
C THR A 241 9.00 1.40 -15.57
N SER A 242 9.76 2.09 -14.73
CA SER A 242 11.22 2.02 -14.77
C SER A 242 11.77 0.71 -14.20
N ILE A 243 10.92 -0.18 -13.68
CA ILE A 243 11.39 -1.47 -13.18
C ILE A 243 11.17 -2.60 -14.17
N PHE A 244 10.52 -2.32 -15.29
CA PHE A 244 10.25 -3.35 -16.29
C PHE A 244 11.47 -3.59 -17.16
N LEU A 245 11.69 -4.85 -17.52
CA LEU A 245 12.75 -5.22 -18.44
C LEU A 245 12.24 -5.13 -19.87
N THR A 246 13.11 -5.43 -20.83
CA THR A 246 12.75 -5.43 -22.24
C THR A 246 13.23 -6.73 -22.86
N ASN A 247 12.28 -7.55 -23.32
CA ASN A 247 12.61 -8.83 -23.92
C ASN A 247 13.07 -8.62 -25.36
N LYS A 248 13.19 -9.71 -26.12
CA LYS A 248 13.69 -9.62 -27.49
C LYS A 248 12.74 -8.83 -28.38
N LYS A 249 11.44 -9.09 -28.27
CA LYS A 249 10.46 -8.41 -29.11
C LYS A 249 10.37 -6.91 -28.84
N GLY A 250 10.87 -6.46 -27.69
CA GLY A 250 10.82 -5.06 -27.33
C GLY A 250 9.69 -4.68 -26.40
N PHE A 251 8.94 -5.65 -25.85
CA PHE A 251 7.83 -5.40 -24.96
C PHE A 251 8.29 -5.41 -23.51
N PRO A 252 7.63 -4.66 -22.64
CA PRO A 252 8.02 -4.63 -21.22
C PRO A 252 7.64 -5.93 -20.52
N VAL A 253 8.59 -6.48 -19.77
CA VAL A 253 8.36 -7.68 -18.96
C VAL A 253 8.94 -7.43 -17.58
N LEU A 254 8.97 -8.48 -16.75
CA LEU A 254 9.50 -8.37 -15.39
C LEU A 254 10.51 -9.49 -15.15
N SER A 255 11.36 -9.28 -14.16
CA SER A 255 12.30 -10.32 -13.75
C SER A 255 11.57 -11.41 -12.98
N LYS A 256 12.16 -12.61 -12.97
CA LYS A 256 11.53 -13.73 -12.27
C LYS A 256 11.33 -13.45 -10.80
N MET A 257 12.17 -12.59 -10.20
CA MET A 257 11.94 -12.20 -8.81
C MET A 257 10.72 -11.30 -8.69
N HIS A 258 10.56 -10.35 -9.62
CA HIS A 258 9.37 -9.48 -9.58
C HIS A 258 8.11 -10.27 -9.89
N GLN A 259 8.19 -11.20 -10.85
CA GLN A 259 7.05 -12.06 -11.14
C GLN A 259 6.60 -12.83 -9.91
N ARG A 260 7.56 -13.30 -9.11
CA ARG A 260 7.22 -14.03 -7.88
C ARG A 260 6.44 -13.15 -6.91
N LEU A 261 6.79 -11.86 -6.85
CA LEU A 261 6.06 -10.95 -5.96
C LEU A 261 4.66 -10.65 -6.50
N ILE A 262 4.54 -10.45 -7.81
CA ILE A 262 3.23 -10.19 -8.41
C ILE A 262 2.28 -11.35 -8.13
N PHE A 263 2.78 -12.59 -8.26
CA PHE A 263 1.95 -13.75 -7.96
C PHE A 263 1.50 -13.74 -6.50
N ARG A 264 2.40 -13.37 -5.59
CA ARG A 264 2.01 -13.25 -4.18
C ARG A 264 0.95 -12.16 -4.01
N LEU A 265 1.06 -11.07 -4.78
CA LEU A 265 0.11 -9.98 -4.63
C LEU A 265 -1.24 -10.32 -5.25
N LEU A 266 -1.26 -11.11 -6.33
CA LEU A 266 -2.52 -11.51 -6.93
C LEU A 266 -3.34 -12.38 -5.97
N LYS A 267 -2.67 -13.17 -5.13
CA LYS A 267 -3.39 -13.93 -4.11
C LYS A 267 -4.04 -13.00 -3.09
N LEU A 268 -3.50 -11.81 -2.90
CA LEU A 268 -4.12 -10.80 -2.05
C LEU A 268 -5.17 -9.97 -2.78
N GLU A 269 -5.31 -10.16 -4.10
CA GLU A 269 -6.31 -9.44 -4.89
C GLU A 269 -6.17 -7.92 -4.73
N VAL A 270 -4.92 -7.44 -4.65
CA VAL A 270 -4.71 -6.01 -4.60
C VAL A 270 -4.98 -5.39 -5.97
N GLN A 271 -5.11 -4.08 -5.99
CA GLN A 271 -5.19 -3.34 -7.24
C GLN A 271 -3.80 -2.84 -7.63
N PHE A 272 -3.46 -3.00 -8.89
CA PHE A 272 -2.14 -2.64 -9.37
C PHE A 272 -2.17 -1.28 -10.03
N ILE A 273 -1.21 -0.43 -9.69
CA ILE A 273 -1.14 0.94 -10.17
C ILE A 273 0.15 1.11 -10.96
N ILE A 274 0.03 1.54 -12.21
CA ILE A 274 1.18 1.79 -13.06
C ILE A 274 1.52 3.27 -12.98
N THR A 275 2.77 3.58 -12.61
CA THR A 275 3.23 4.95 -12.50
C THR A 275 4.47 5.14 -13.35
N GLY A 276 4.75 6.39 -13.69
CA GLY A 276 5.87 6.73 -14.54
C GLY A 276 5.50 6.79 -16.01
N THR A 277 6.35 7.47 -16.78
CA THR A 277 6.09 7.66 -18.20
C THR A 277 6.49 6.41 -18.98
N ASN A 278 6.19 6.45 -20.28
CA ASN A 278 6.45 5.33 -21.18
C ASN A 278 7.90 5.42 -21.67
N HIS A 279 8.75 4.51 -21.17
CA HIS A 279 10.12 4.44 -21.64
C HIS A 279 10.27 3.54 -22.85
N HIS A 280 9.37 2.58 -23.03
CA HIS A 280 9.33 1.75 -24.24
C HIS A 280 8.46 2.44 -25.30
N SER A 281 8.95 3.59 -25.77
CA SER A 281 8.20 4.41 -26.72
C SER A 281 8.01 3.71 -28.07
N GLU A 282 8.73 2.62 -28.33
CA GLU A 282 8.49 1.85 -29.55
C GLU A 282 7.18 1.09 -29.50
N LYS A 283 6.62 0.88 -28.31
CA LYS A 283 5.34 0.20 -28.14
C LYS A 283 4.34 1.17 -27.54
N GLU A 284 3.05 0.81 -27.64
CA GLU A 284 2.01 1.62 -27.05
C GLU A 284 1.98 1.42 -25.53
N PHE A 285 1.19 2.25 -24.85
CA PHE A 285 1.27 2.29 -23.40
C PHE A 285 0.48 1.18 -22.71
N CYS A 286 -0.51 0.58 -23.39
CA CYS A 286 -1.19 -0.56 -22.78
C CYS A 286 -0.33 -1.80 -22.76
N SER A 287 0.94 -1.73 -23.22
CA SER A 287 1.81 -2.89 -23.23
C SER A 287 2.21 -3.30 -21.82
N TYR A 288 2.49 -2.34 -20.95
CA TYR A 288 2.70 -2.65 -19.55
C TYR A 288 1.50 -3.37 -18.97
N LEU A 289 0.30 -2.89 -19.29
CA LEU A 289 -0.92 -3.47 -18.73
C LEU A 289 -1.16 -4.88 -19.25
N GLN A 290 -0.93 -5.10 -20.55
CA GLN A 290 -1.14 -6.42 -21.12
C GLN A 290 -0.26 -7.46 -20.47
N TYR A 291 0.92 -7.06 -19.99
CA TYR A 291 1.79 -8.02 -19.30
C TYR A 291 1.23 -8.43 -17.95
N LEU A 292 0.56 -7.52 -17.26
CA LEU A 292 -0.11 -7.88 -16.01
C LEU A 292 -1.25 -8.86 -16.27
N GLU A 293 -2.11 -8.55 -17.24
CA GLU A 293 -3.12 -9.50 -17.66
C GLU A 293 -2.49 -10.82 -18.11
N TYR A 294 -1.29 -10.76 -18.70
CA TYR A 294 -0.61 -11.98 -19.11
C TYR A 294 -0.21 -12.81 -17.90
N LEU A 295 0.47 -12.20 -16.92
CA LEU A 295 0.84 -12.93 -15.71
C LEU A 295 -0.39 -13.44 -14.96
N SER A 296 -1.51 -12.71 -15.06
CA SER A 296 -2.70 -13.09 -14.31
C SER A 296 -3.30 -14.38 -14.84
N GLN A 297 -3.41 -14.53 -16.17
CA GLN A 297 -3.98 -15.74 -16.72
C GLN A 297 -3.11 -16.95 -16.46
N ASN A 298 -1.80 -16.76 -16.33
CA ASN A 298 -0.86 -17.86 -16.12
C ASN A 298 -0.60 -17.99 -14.63
N ARG A 299 -1.33 -18.89 -13.98
CA ARG A 299 -1.16 -19.23 -12.58
C ARG A 299 -2.02 -20.45 -12.28
N PRO A 300 -1.70 -21.20 -11.23
CA PRO A 300 -2.50 -22.38 -10.88
C PRO A 300 -3.95 -22.00 -10.64
N PRO A 301 -4.87 -22.52 -11.45
CA PRO A 301 -6.29 -22.18 -11.31
C PRO A 301 -6.83 -22.66 -9.97
N PRO A 302 -8.05 -22.28 -9.60
CA PRO A 302 -8.59 -22.70 -8.30
C PRO A 302 -8.60 -24.21 -8.15
N ASN A 303 -7.99 -24.69 -7.06
CA ASN A 303 -7.83 -26.12 -6.81
C ASN A 303 -8.96 -26.61 -5.90
N ALA A 304 -10.17 -26.55 -6.43
CA ALA A 304 -11.38 -27.05 -5.77
C ALA A 304 -11.58 -26.42 -4.40
N TYR A 305 -10.66 -26.66 -3.46
CA TYR A 305 -10.75 -26.05 -2.13
C TYR A 305 -10.69 -24.54 -2.23
N GLU A 306 -9.63 -24.01 -2.85
CA GLU A 306 -9.53 -22.57 -3.06
C GLU A 306 -10.71 -22.06 -3.89
N LEU A 307 -11.27 -22.92 -4.74
CA LEU A 307 -12.49 -22.57 -5.45
C LEU A 307 -13.69 -22.50 -4.51
N PHE A 308 -13.71 -23.34 -3.47
CA PHE A 308 -14.82 -23.37 -2.53
C PHE A 308 -14.70 -22.27 -1.47
N ALA A 309 -13.51 -22.13 -0.87
CA ALA A 309 -13.32 -21.18 0.21
C ALA A 309 -13.28 -19.74 -0.28
N LYS A 310 -13.06 -19.53 -1.58
CA LYS A 310 -13.05 -18.17 -2.13
C LYS A 310 -14.38 -17.49 -1.86
N GLY A 311 -14.31 -16.33 -1.21
CA GLY A 311 -15.48 -15.63 -0.71
C GLY A 311 -15.54 -15.60 0.80
N TYR A 312 -15.05 -16.64 1.46
CA TYR A 312 -14.98 -16.70 2.91
C TYR A 312 -13.63 -16.23 3.45
N GLU A 313 -12.78 -15.68 2.59
CA GLU A 313 -11.41 -15.34 2.98
C GLU A 313 -11.41 -14.23 4.01
N ASP A 314 -10.82 -14.50 5.17
CA ASP A 314 -10.75 -13.57 6.30
C ASP A 314 -12.12 -13.17 6.82
N TYR A 315 -13.15 -13.98 6.55
CA TYR A 315 -14.49 -13.70 7.05
C TYR A 315 -14.67 -14.39 8.40
N LEU A 316 -14.92 -13.60 9.45
CA LEU A 316 -15.11 -14.13 10.79
C LEU A 316 -16.47 -14.79 10.92
N GLN A 317 -16.50 -15.99 11.50
CA GLN A 317 -17.73 -16.72 11.76
C GLN A 317 -17.77 -17.17 13.21
N SER A 318 -18.95 -17.14 13.80
CA SER A 318 -19.13 -17.74 15.11
C SER A 318 -18.98 -19.26 15.01
N PRO A 319 -18.24 -19.88 15.93
CA PRO A 319 -18.08 -21.33 15.86
C PRO A 319 -19.38 -22.05 16.19
N LEU A 320 -19.77 -22.96 15.30
CA LEU A 320 -20.99 -23.75 15.52
C LEU A 320 -20.92 -24.49 16.84
N GLN A 321 -22.07 -24.62 17.49
CA GLN A 321 -22.24 -25.44 18.70
C GLN A 321 -23.36 -26.44 18.42
N PRO A 322 -23.06 -27.52 17.69
CA PRO A 322 -24.13 -28.46 17.30
C PRO A 322 -24.72 -29.21 18.48
N LEU A 323 -24.11 -29.17 19.65
CA LEU A 323 -24.71 -29.77 20.83
C LEU A 323 -25.78 -28.86 21.43
N MET A 324 -25.38 -27.63 21.78
CA MET A 324 -26.32 -26.68 22.37
C MET A 324 -27.40 -26.26 21.36
N ASP A 325 -27.03 -26.13 20.09
CA ASP A 325 -27.92 -25.64 19.05
C ASP A 325 -28.29 -26.77 18.08
N ASN A 326 -29.44 -26.61 17.43
CA ASN A 326 -29.87 -27.51 16.36
C ASN A 326 -29.51 -26.88 15.02
N LEU A 327 -28.65 -27.56 14.26
CA LEU A 327 -28.18 -27.03 13.00
C LEU A 327 -29.30 -27.01 11.96
N GLU A 328 -29.25 -26.02 11.07
CA GLU A 328 -30.24 -25.85 10.04
C GLU A 328 -30.00 -26.81 8.88
N SER A 329 -30.97 -26.88 7.97
CA SER A 329 -30.91 -27.86 6.88
C SER A 329 -29.72 -27.61 5.97
N GLN A 330 -29.54 -26.36 5.52
CA GLN A 330 -28.46 -26.08 4.58
C GLN A 330 -27.09 -26.16 5.23
N THR A 331 -27.01 -26.15 6.56
CA THR A 331 -25.74 -26.42 7.23
C THR A 331 -25.35 -27.88 7.05
N TYR A 332 -26.29 -28.80 7.24
CA TYR A 332 -26.02 -30.21 6.97
C TYR A 332 -25.68 -30.44 5.50
N GLU A 333 -26.36 -29.71 4.61
CA GLU A 333 -26.08 -29.84 3.18
C GLU A 333 -24.63 -29.52 2.87
N VAL A 334 -24.05 -28.54 3.57
CA VAL A 334 -22.65 -28.20 3.36
C VAL A 334 -21.75 -29.31 3.91
N PHE A 335 -22.11 -29.86 5.08
CA PHE A 335 -21.32 -30.96 5.65
C PHE A 335 -21.21 -32.13 4.68
N GLU A 336 -22.26 -32.37 3.89
CA GLU A 336 -22.34 -33.53 3.02
C GLU A 336 -21.70 -33.30 1.65
N LYS A 337 -21.16 -32.10 1.42
CA LYS A 337 -20.60 -31.74 0.12
C LYS A 337 -19.08 -31.96 0.06
N ASP A 338 -18.54 -32.83 0.90
CA ASP A 338 -17.11 -33.08 0.97
C ASP A 338 -16.88 -34.59 0.85
N PRO A 339 -16.80 -35.12 -0.37
CA PRO A 339 -16.70 -36.58 -0.51
C PRO A 339 -15.39 -37.15 0.00
N ILE A 340 -14.29 -36.39 -0.09
CA ILE A 340 -13.01 -36.89 0.39
C ILE A 340 -13.07 -37.16 1.90
N LYS A 341 -13.77 -36.30 2.63
CA LYS A 341 -13.91 -36.50 4.08
C LYS A 341 -14.60 -37.82 4.40
N TYR A 342 -15.71 -38.12 3.72
CA TYR A 342 -16.49 -39.29 4.08
C TYR A 342 -15.90 -40.58 3.52
N SER A 343 -15.24 -40.51 2.36
CA SER A 343 -14.53 -41.69 1.86
C SER A 343 -13.41 -42.10 2.81
N GLN A 344 -12.85 -41.13 3.54
CA GLN A 344 -11.92 -41.45 4.62
C GLN A 344 -12.63 -42.17 5.75
N TYR A 345 -13.85 -41.72 6.09
CA TYR A 345 -14.67 -42.45 7.06
C TYR A 345 -14.98 -43.85 6.57
N GLN A 346 -15.42 -43.98 5.32
CA GLN A 346 -15.77 -45.28 4.77
C GLN A 346 -14.57 -46.22 4.79
N GLN A 347 -13.38 -45.70 4.49
CA GLN A 347 -12.18 -46.53 4.53
C GLN A 347 -11.85 -46.94 5.96
N ALA A 348 -12.01 -46.01 6.91
CA ALA A 348 -11.71 -46.33 8.30
C ALA A 348 -12.64 -47.43 8.82
N ILE A 349 -13.93 -47.36 8.48
CA ILE A 349 -14.85 -48.44 8.85
C ILE A 349 -14.47 -49.72 8.13
N TYR A 350 -14.06 -49.61 6.86
CA TYR A 350 -13.71 -50.79 6.07
C TYR A 350 -12.55 -51.56 6.71
N LYS A 351 -11.48 -50.85 7.08
CA LYS A 351 -10.35 -51.51 7.72
C LYS A 351 -10.73 -52.09 9.08
N CYS A 352 -11.62 -51.41 9.80
CA CYS A 352 -11.98 -51.87 11.14
C CYS A 352 -12.81 -53.15 11.09
N LEU A 353 -13.73 -53.24 10.12
CA LEU A 353 -14.56 -54.45 10.01
C LEU A 353 -13.72 -55.68 9.73
N LEU A 354 -12.68 -55.53 8.90
CA LEU A 354 -11.85 -56.69 8.56
C LEU A 354 -11.01 -57.15 9.74
N ASP A 355 -10.56 -56.23 10.59
CA ASP A 355 -9.74 -56.60 11.73
C ASP A 355 -10.55 -57.24 12.85
N ARG A 356 -11.87 -57.07 12.86
CA ARG A 356 -12.72 -57.62 13.92
C ARG A 356 -13.45 -58.88 13.51
N VAL A 357 -13.80 -59.04 12.24
CA VAL A 357 -14.51 -60.21 11.76
C VAL A 357 -13.57 -60.99 10.84
N PRO A 358 -13.05 -62.14 11.26
CA PRO A 358 -12.22 -62.94 10.35
C PRO A 358 -13.04 -63.48 9.19
N GLU A 359 -12.33 -63.95 8.17
CA GLU A 359 -12.97 -64.40 6.95
C GLU A 359 -13.93 -65.56 7.21
N GLU A 360 -13.55 -66.50 8.06
CA GLU A 360 -14.37 -67.68 8.33
C GLU A 360 -15.62 -67.38 9.13
N GLU A 361 -15.83 -66.13 9.56
CA GLU A 361 -17.01 -65.76 10.34
C GLU A 361 -17.83 -64.66 9.66
N LYS A 362 -17.63 -64.44 8.36
CA LYS A 362 -18.26 -63.31 7.68
C LYS A 362 -19.78 -63.44 7.57
N ASP A 363 -20.33 -64.63 7.80
CA ASP A 363 -21.77 -64.84 7.70
C ASP A 363 -22.46 -64.92 9.06
N THR A 364 -21.75 -65.34 10.10
CA THR A 364 -22.33 -65.50 11.43
C THR A 364 -22.10 -64.29 12.34
N ASN A 365 -21.10 -63.46 12.06
CA ASN A 365 -20.74 -62.34 12.92
C ASN A 365 -21.39 -61.07 12.37
N VAL A 366 -22.38 -60.56 13.09
CA VAL A 366 -23.02 -59.29 12.77
C VAL A 366 -22.47 -58.24 13.73
N GLN A 367 -21.83 -57.23 13.18
CA GLN A 367 -21.25 -56.15 13.99
C GLN A 367 -22.29 -55.06 14.22
N VAL A 368 -22.33 -54.55 15.44
CA VAL A 368 -23.26 -53.49 15.82
C VAL A 368 -22.52 -52.16 15.71
N LEU A 369 -22.88 -51.36 14.70
CA LEU A 369 -22.33 -50.03 14.52
C LEU A 369 -23.34 -48.99 15.01
N MET A 370 -22.83 -47.94 15.65
CA MET A 370 -23.66 -46.85 16.16
C MET A 370 -23.06 -45.52 15.72
N VAL A 371 -23.71 -44.86 14.77
CA VAL A 371 -23.37 -43.49 14.45
C VAL A 371 -23.91 -42.59 15.56
N LEU A 372 -23.03 -41.81 16.18
CA LEU A 372 -23.38 -40.97 17.31
C LEU A 372 -23.35 -39.51 16.84
N GLY A 373 -24.52 -38.99 16.49
CA GLY A 373 -24.61 -37.71 15.81
C GLY A 373 -24.66 -37.91 14.31
N ALA A 374 -25.78 -38.45 13.82
CA ALA A 374 -25.88 -38.91 12.44
C ALA A 374 -26.26 -37.82 11.44
N GLY A 375 -26.76 -36.68 11.92
CA GLY A 375 -27.16 -35.62 10.99
C GLY A 375 -28.27 -36.10 10.08
N ARG A 376 -28.03 -36.02 8.77
CA ARG A 376 -28.95 -36.53 7.76
C ARG A 376 -28.46 -37.84 7.14
N GLY A 377 -27.54 -38.52 7.80
CA GLY A 377 -27.11 -39.85 7.43
C GLY A 377 -26.02 -40.00 6.37
N PRO A 378 -24.99 -39.12 6.34
CA PRO A 378 -23.88 -39.39 5.42
C PRO A 378 -22.97 -40.48 5.95
N LEU A 379 -22.77 -40.50 7.28
CA LEU A 379 -21.99 -41.57 7.88
C LEU A 379 -22.72 -42.90 7.79
N VAL A 380 -24.06 -42.86 7.90
CA VAL A 380 -24.84 -44.08 7.76
C VAL A 380 -24.65 -44.69 6.37
N ASN A 381 -24.67 -43.85 5.34
CA ASN A 381 -24.40 -44.35 3.99
C ASN A 381 -22.94 -44.75 3.83
N ALA A 382 -22.02 -44.03 4.46
CA ALA A 382 -20.62 -44.41 4.42
C ALA A 382 -20.40 -45.75 5.12
N SER A 383 -21.21 -46.05 6.15
CA SER A 383 -21.10 -47.35 6.81
C SER A 383 -21.65 -48.46 5.91
N LEU A 384 -22.78 -48.22 5.25
CA LEU A 384 -23.34 -49.22 4.35
C LEU A 384 -22.41 -49.48 3.17
N ARG A 385 -21.70 -48.46 2.70
CA ARG A 385 -20.74 -48.67 1.62
C ARG A 385 -19.54 -49.46 2.11
N ALA A 386 -19.11 -49.22 3.35
CA ALA A 386 -17.93 -49.91 3.88
C ALA A 386 -18.20 -51.39 4.08
N ALA A 387 -19.35 -51.73 4.68
CA ALA A 387 -19.67 -53.14 4.91
C ALA A 387 -19.82 -53.91 3.60
N LYS A 388 -20.24 -53.23 2.53
CA LYS A 388 -20.40 -53.91 1.24
C LYS A 388 -19.04 -54.23 0.63
N GLN A 389 -18.15 -53.24 0.53
CA GLN A 389 -16.84 -53.50 -0.04
C GLN A 389 -15.99 -54.40 0.84
N ALA A 390 -16.32 -54.53 2.12
CA ALA A 390 -15.62 -55.44 3.01
C ALA A 390 -16.28 -56.82 3.08
N ASP A 391 -17.52 -56.94 2.59
CA ASP A 391 -18.28 -58.19 2.63
C ASP A 391 -18.42 -58.69 4.07
N ARG A 392 -19.04 -57.87 4.91
CA ARG A 392 -19.36 -58.22 6.28
C ARG A 392 -20.75 -57.72 6.62
N ARG A 393 -21.34 -58.30 7.67
CA ARG A 393 -22.69 -57.95 8.10
C ARG A 393 -22.64 -56.93 9.23
N ILE A 394 -23.53 -55.94 9.16
CA ILE A 394 -23.60 -54.88 10.16
C ILE A 394 -25.04 -54.61 10.55
N LYS A 395 -25.24 -54.27 11.82
CA LYS A 395 -26.51 -53.78 12.33
C LYS A 395 -26.31 -52.34 12.78
N LEU A 396 -27.06 -51.42 12.18
CA LEU A 396 -26.81 -49.99 12.32
C LEU A 396 -27.80 -49.33 13.26
N TYR A 397 -27.29 -48.46 14.13
CA TYR A 397 -28.07 -47.50 14.88
C TYR A 397 -27.63 -46.11 14.47
N ALA A 398 -28.60 -45.22 14.25
CA ALA A 398 -28.33 -43.84 13.86
C ALA A 398 -28.89 -42.93 14.95
N VAL A 399 -28.02 -42.42 15.81
CA VAL A 399 -28.42 -41.58 16.94
C VAL A 399 -28.22 -40.12 16.56
N GLU A 400 -29.26 -39.31 16.78
CA GLU A 400 -29.22 -37.90 16.43
C GLU A 400 -30.21 -37.16 17.31
N LYS A 401 -29.73 -36.19 18.08
CA LYS A 401 -30.61 -35.46 19.01
C LYS A 401 -31.35 -34.31 18.34
N ASN A 402 -30.88 -33.84 17.18
CA ASN A 402 -31.58 -32.80 16.44
C ASN A 402 -32.86 -33.36 15.85
N PRO A 403 -34.03 -33.05 16.43
CA PRO A 403 -35.26 -33.70 15.96
C PRO A 403 -35.63 -33.32 14.54
N ASN A 404 -35.19 -32.15 14.06
CA ASN A 404 -35.47 -31.77 12.69
C ASN A 404 -34.69 -32.62 11.70
N ALA A 405 -33.45 -32.99 12.03
CA ALA A 405 -32.70 -33.88 11.18
C ALA A 405 -33.21 -35.31 11.26
N VAL A 406 -33.79 -35.70 12.41
CA VAL A 406 -34.38 -37.03 12.55
C VAL A 406 -35.48 -37.23 11.52
N VAL A 407 -36.13 -36.14 11.09
CA VAL A 407 -37.16 -36.25 10.06
C VAL A 407 -36.54 -36.72 8.75
N THR A 408 -35.34 -36.22 8.43
CA THR A 408 -34.65 -36.68 7.23
C THR A 408 -34.21 -38.13 7.36
N LEU A 409 -33.69 -38.51 8.53
CA LEU A 409 -33.23 -39.88 8.75
C LEU A 409 -34.36 -40.88 8.58
N GLU A 410 -35.54 -40.56 9.12
CA GLU A 410 -36.64 -41.53 9.13
C GLU A 410 -37.32 -41.64 7.79
N ASN A 411 -37.35 -40.56 7.00
CA ASN A 411 -37.79 -40.70 5.61
C ASN A 411 -36.76 -41.51 4.81
N TRP A 412 -35.47 -41.30 5.08
CA TRP A 412 -34.43 -42.14 4.49
C TRP A 412 -34.58 -43.59 4.94
N GLN A 413 -34.83 -43.79 6.24
CA GLN A 413 -34.88 -45.14 6.78
C GLN A 413 -36.07 -45.92 6.25
N PHE A 414 -37.20 -45.25 5.99
CA PHE A 414 -38.37 -45.94 5.47
C PHE A 414 -38.26 -46.19 3.97
N GLU A 415 -37.69 -45.25 3.23
CA GLU A 415 -37.67 -45.32 1.78
C GLU A 415 -36.54 -46.15 1.21
N GLU A 416 -35.40 -46.24 1.90
CA GLU A 416 -34.24 -46.92 1.34
C GLU A 416 -33.61 -47.92 2.31
N TRP A 417 -33.11 -47.43 3.44
CA TRP A 417 -32.32 -48.26 4.34
C TRP A 417 -33.12 -49.48 4.81
N GLY A 418 -34.29 -49.26 5.38
CA GLY A 418 -35.09 -50.36 5.88
C GLY A 418 -34.73 -50.74 7.30
N SER A 419 -35.10 -51.98 7.65
CA SER A 419 -34.92 -52.48 9.01
C SER A 419 -33.45 -52.62 9.41
N GLN A 420 -32.52 -52.52 8.46
CA GLN A 420 -31.11 -52.62 8.81
C GLN A 420 -30.66 -51.45 9.69
N VAL A 421 -31.22 -50.26 9.47
CA VAL A 421 -30.87 -49.06 10.23
C VAL A 421 -31.98 -48.77 11.23
N THR A 422 -31.59 -48.46 12.46
CA THR A 422 -32.51 -48.07 13.52
C THR A 422 -32.20 -46.63 13.92
N VAL A 423 -33.15 -45.74 13.69
CA VAL A 423 -32.98 -44.34 14.06
C VAL A 423 -33.35 -44.17 15.53
N VAL A 424 -32.52 -43.45 16.27
CA VAL A 424 -32.76 -43.15 17.68
C VAL A 424 -32.69 -41.64 17.85
N SER A 425 -33.83 -41.02 18.15
CA SER A 425 -33.88 -39.58 18.39
C SER A 425 -33.63 -39.33 19.87
N SER A 426 -32.37 -39.13 20.23
CA SER A 426 -31.99 -39.02 21.63
C SER A 426 -30.58 -38.44 21.73
N ASP A 427 -30.27 -37.91 22.92
CA ASP A 427 -28.91 -37.52 23.23
C ASP A 427 -28.11 -38.77 23.57
N MET A 428 -26.92 -38.89 22.97
CA MET A 428 -26.11 -40.09 23.16
C MET A 428 -25.68 -40.27 24.61
N ARG A 429 -25.73 -39.21 25.42
CA ARG A 429 -25.36 -39.30 26.82
C ARG A 429 -26.48 -39.81 27.72
N GLU A 430 -27.73 -39.75 27.25
CA GLU A 430 -28.87 -40.25 28.01
C GLU A 430 -29.48 -41.51 27.43
N TRP A 431 -29.19 -41.84 26.18
CA TRP A 431 -29.82 -42.97 25.51
C TRP A 431 -29.48 -44.28 26.22
N VAL A 432 -30.50 -45.08 26.47
CA VAL A 432 -30.36 -46.40 27.09
C VAL A 432 -30.30 -47.41 25.95
N ALA A 433 -29.09 -47.77 25.55
CA ALA A 433 -28.92 -48.62 24.37
C ALA A 433 -29.46 -50.02 24.67
N PRO A 434 -30.23 -50.61 23.75
CA PRO A 434 -30.73 -51.98 23.98
C PRO A 434 -29.63 -53.03 23.96
N GLU A 435 -28.49 -52.72 23.33
CA GLU A 435 -27.35 -53.62 23.31
C GLU A 435 -26.09 -52.78 23.21
N LYS A 436 -24.95 -53.45 23.34
CA LYS A 436 -23.66 -52.75 23.26
C LYS A 436 -23.13 -52.78 21.83
N ALA A 437 -22.31 -51.80 21.51
CA ALA A 437 -21.84 -51.59 20.15
C ALA A 437 -20.43 -52.14 19.96
N ASP A 438 -20.19 -52.68 18.76
CA ASP A 438 -18.83 -53.07 18.38
C ASP A 438 -18.02 -51.86 17.90
N ILE A 439 -18.67 -50.93 17.19
CA ILE A 439 -18.02 -49.73 16.67
C ILE A 439 -18.97 -48.55 16.84
N ILE A 440 -18.47 -47.46 17.38
CA ILE A 440 -19.19 -46.18 17.41
C ILE A 440 -18.47 -45.22 16.48
N VAL A 441 -19.23 -44.51 15.64
CA VAL A 441 -18.69 -43.56 14.69
C VAL A 441 -19.30 -42.20 14.98
N SER A 442 -18.48 -41.16 14.98
CA SER A 442 -18.95 -39.82 15.30
C SER A 442 -18.20 -38.79 14.48
N GLU A 443 -18.88 -37.67 14.21
CA GLU A 443 -18.31 -36.52 13.53
C GLU A 443 -18.62 -35.26 14.33
N LEU A 444 -18.20 -35.27 15.60
CA LEU A 444 -18.49 -34.20 16.54
C LEU A 444 -17.33 -33.21 16.66
N LEU A 445 -16.39 -33.24 15.72
CA LEU A 445 -15.18 -32.44 15.81
C LEU A 445 -15.39 -31.06 15.19
N GLY A 446 -14.83 -30.04 15.86
CA GLY A 446 -14.77 -28.71 15.32
C GLY A 446 -13.40 -28.36 14.77
N SER A 447 -13.22 -27.07 14.46
CA SER A 447 -11.96 -26.61 13.91
C SER A 447 -10.83 -26.75 14.93
N PHE A 448 -11.14 -26.69 16.23
CA PHE A 448 -10.15 -26.88 17.28
C PHE A 448 -10.25 -28.28 17.89
N ALA A 449 -10.63 -29.27 17.07
CA ALA A 449 -10.90 -30.64 17.51
C ALA A 449 -12.05 -30.70 18.50
N ASP A 450 -11.79 -30.34 19.75
CA ASP A 450 -12.71 -30.61 20.85
C ASP A 450 -13.62 -29.43 21.19
N ASN A 451 -13.68 -28.40 20.36
CA ASN A 451 -14.45 -27.20 20.71
C ASN A 451 -15.96 -27.39 20.55
N GLU A 452 -16.42 -28.59 20.18
CA GLU A 452 -17.84 -28.90 20.19
C GLU A 452 -18.19 -29.94 21.23
N LEU A 453 -17.25 -30.24 22.15
CA LEU A 453 -17.46 -31.14 23.28
C LEU A 453 -17.59 -32.60 22.82
N SER A 454 -16.91 -32.95 21.74
CA SER A 454 -16.76 -34.35 21.36
C SER A 454 -16.21 -35.22 22.50
N PRO A 455 -15.25 -34.76 23.33
CA PRO A 455 -14.87 -35.58 24.49
C PRO A 455 -16.03 -35.85 25.44
N GLU A 456 -16.83 -34.83 25.77
CA GLU A 456 -17.89 -35.01 26.75
C GLU A 456 -19.00 -35.90 26.20
N CYS A 457 -19.33 -35.77 24.93
CA CYS A 457 -20.39 -36.58 24.34
C CYS A 457 -19.98 -38.05 24.26
N LEU A 458 -18.75 -38.31 23.77
CA LEU A 458 -18.31 -39.70 23.66
C LEU A 458 -18.06 -40.33 25.02
N ASP A 459 -17.77 -39.54 26.05
CA ASP A 459 -17.64 -40.09 27.39
C ASP A 459 -18.97 -40.66 27.89
N GLY A 460 -20.04 -39.88 27.74
CA GLY A 460 -21.35 -40.35 28.19
C GLY A 460 -21.85 -41.54 27.39
N ALA A 461 -21.47 -41.63 26.12
CA ALA A 461 -21.87 -42.75 25.28
C ALA A 461 -20.98 -43.97 25.47
N GLN A 462 -19.93 -43.87 26.30
CA GLN A 462 -18.96 -44.94 26.41
C GLN A 462 -19.55 -46.19 27.04
N HIS A 463 -20.57 -46.03 27.89
CA HIS A 463 -21.05 -47.15 28.68
C HIS A 463 -21.64 -48.26 27.82
N PHE A 464 -22.18 -47.93 26.65
CA PHE A 464 -22.74 -48.94 25.77
C PHE A 464 -21.79 -49.33 24.63
N LEU A 465 -20.51 -49.04 24.77
CA LEU A 465 -19.49 -49.60 23.89
C LEU A 465 -18.89 -50.84 24.54
N LYS A 466 -18.73 -51.90 23.75
CA LYS A 466 -18.21 -53.15 24.27
C LYS A 466 -16.81 -52.96 24.86
N ASP A 467 -16.42 -53.92 25.70
CA ASP A 467 -15.11 -53.86 26.37
C ASP A 467 -13.97 -53.84 25.37
N ASP A 468 -14.15 -54.47 24.21
CA ASP A 468 -13.17 -54.43 23.13
C ASP A 468 -13.63 -53.53 21.98
N GLY A 469 -14.55 -52.60 22.24
CA GLY A 469 -15.10 -51.79 21.20
C GLY A 469 -14.11 -50.77 20.66
N VAL A 470 -14.42 -50.26 19.47
CA VAL A 470 -13.58 -49.29 18.78
C VAL A 470 -14.40 -48.02 18.56
N SER A 471 -13.80 -46.87 18.86
CA SER A 471 -14.40 -45.57 18.58
C SER A 471 -13.73 -44.95 17.37
N ILE A 472 -14.54 -44.45 16.44
CA ILE A 472 -14.05 -43.72 15.27
C ILE A 472 -14.65 -42.32 15.33
N PRO A 473 -13.83 -41.27 15.43
CA PRO A 473 -12.36 -41.27 15.47
C PRO A 473 -11.81 -41.86 16.77
N GLY A 474 -10.57 -42.36 16.73
CA GLY A 474 -9.96 -42.95 17.90
C GLY A 474 -9.32 -41.90 18.80
N GLU A 475 -8.72 -40.89 18.19
CA GLU A 475 -8.13 -39.80 18.95
C GLU A 475 -8.00 -38.58 18.05
N TYR A 476 -7.96 -37.41 18.67
CA TYR A 476 -7.76 -36.17 17.94
C TYR A 476 -6.86 -35.24 18.75
N THR A 477 -6.26 -34.28 18.05
CA THR A 477 -5.29 -33.38 18.65
C THR A 477 -5.45 -32.00 18.03
N SER A 478 -5.45 -30.97 18.88
CA SER A 478 -5.56 -29.59 18.43
C SER A 478 -4.17 -28.95 18.34
N PHE A 479 -4.03 -27.99 17.43
CA PHE A 479 -2.75 -27.33 17.19
C PHE A 479 -2.92 -25.81 17.25
N LEU A 480 -1.82 -25.13 17.57
CA LEU A 480 -1.81 -23.68 17.68
C LEU A 480 -0.54 -23.13 17.03
N ALA A 481 -0.66 -21.92 16.46
CA ALA A 481 0.47 -21.22 15.87
C ALA A 481 0.24 -19.72 16.03
N PRO A 482 1.22 -18.97 16.51
CA PRO A 482 1.06 -17.51 16.58
C PRO A 482 1.03 -16.91 15.18
N ILE A 483 0.13 -15.96 14.98
CA ILE A 483 -0.03 -15.32 13.67
C ILE A 483 0.04 -13.82 13.84
N SER A 484 0.39 -13.16 12.74
CA SER A 484 0.37 -11.72 12.63
C SER A 484 -0.59 -11.35 11.51
N SER A 485 -1.56 -10.50 11.83
CA SER A 485 -2.50 -10.02 10.82
C SER A 485 -3.19 -8.77 11.38
N SER A 486 -2.70 -7.60 10.98
CA SER A 486 -3.36 -6.37 11.39
C SER A 486 -4.77 -6.27 10.82
N LYS A 487 -5.01 -6.93 9.67
CA LYS A 487 -6.35 -6.93 9.10
C LYS A 487 -7.33 -7.69 10.00
N LEU A 488 -6.97 -8.90 10.42
CA LEU A 488 -7.88 -9.69 11.24
C LEU A 488 -8.06 -9.08 12.62
N TYR A 489 -6.99 -8.51 13.19
CA TYR A 489 -7.13 -7.80 14.46
C TYR A 489 -8.14 -6.67 14.35
N ASN A 490 -8.18 -6.00 13.20
CA ASN A 490 -9.14 -4.92 13.01
C ASN A 490 -10.55 -5.44 12.91
N GLU A 491 -10.74 -6.58 12.23
CA GLU A 491 -12.08 -7.13 12.07
C GLU A 491 -12.65 -7.61 13.40
N VAL A 492 -11.83 -8.27 14.22
CA VAL A 492 -12.25 -8.60 15.58
C VAL A 492 -12.60 -7.34 16.35
N ARG A 493 -11.74 -6.33 16.24
CA ARG A 493 -11.97 -5.05 16.92
C ARG A 493 -13.29 -4.41 16.49
N ALA A 494 -13.74 -4.69 15.27
CA ALA A 494 -14.98 -4.15 14.75
C ALA A 494 -16.21 -4.94 15.18
N CYS A 495 -16.05 -5.93 16.05
CA CYS A 495 -17.15 -6.78 16.48
C CYS A 495 -17.70 -6.36 17.85
N ARG A 496 -17.62 -5.08 18.17
CA ARG A 496 -18.24 -4.60 19.41
C ARG A 496 -19.75 -4.59 19.26
N GLU A 497 -20.45 -5.05 20.30
CA GLU A 497 -21.90 -5.09 20.32
C GLU A 497 -22.44 -4.24 21.46
N LYS A 498 -23.71 -3.84 21.33
CA LYS A 498 -24.25 -2.75 22.12
C LYS A 498 -24.31 -3.08 23.61
N ASP A 499 -24.73 -4.30 23.95
CA ASP A 499 -25.07 -4.56 25.35
C ASP A 499 -24.21 -5.66 25.97
N ARG A 500 -22.90 -5.57 25.80
CA ARG A 500 -21.98 -6.50 26.44
C ARG A 500 -20.67 -5.78 26.71
N ASP A 501 -19.71 -6.51 27.26
CA ASP A 501 -18.39 -5.96 27.53
C ASP A 501 -17.80 -5.41 26.24
N PRO A 502 -17.26 -4.18 26.26
CA PRO A 502 -16.68 -3.62 25.03
C PRO A 502 -15.45 -4.35 24.52
N GLU A 503 -14.90 -5.29 25.30
CA GLU A 503 -13.75 -6.08 24.87
C GLU A 503 -14.07 -7.55 24.74
N ALA A 504 -15.34 -7.95 24.83
CA ALA A 504 -15.69 -9.36 24.81
C ALA A 504 -15.36 -10.02 23.47
N GLN A 505 -15.33 -9.24 22.39
CA GLN A 505 -14.99 -9.78 21.08
C GLN A 505 -13.56 -10.32 21.01
N PHE A 506 -12.67 -9.87 21.88
CA PHE A 506 -11.31 -10.39 21.90
C PHE A 506 -11.18 -11.65 22.73
N GLU A 507 -12.19 -12.00 23.51
CA GLU A 507 -12.14 -13.15 24.41
C GLU A 507 -12.99 -14.31 23.90
N MET A 508 -13.05 -14.49 22.58
CA MET A 508 -13.81 -15.58 22.00
C MET A 508 -13.21 -16.00 20.66
N PRO A 509 -13.24 -17.29 20.33
CA PRO A 509 -12.67 -17.75 19.06
C PRO A 509 -13.59 -17.50 17.87
N TYR A 510 -12.99 -17.49 16.70
CA TYR A 510 -13.70 -17.29 15.44
C TYR A 510 -13.24 -18.33 14.44
N VAL A 511 -14.20 -18.94 13.74
CA VAL A 511 -13.88 -19.76 12.59
C VAL A 511 -13.73 -18.85 11.38
N VAL A 512 -12.61 -18.97 10.68
CA VAL A 512 -12.30 -18.04 9.60
C VAL A 512 -11.33 -18.71 8.64
N ARG A 513 -11.61 -18.57 7.35
CA ARG A 513 -10.66 -18.93 6.31
C ARG A 513 -9.51 -17.91 6.31
N LEU A 514 -8.46 -18.21 7.06
CA LEU A 514 -7.34 -17.29 7.19
C LEU A 514 -6.69 -17.02 5.83
N HIS A 515 -6.43 -15.75 5.56
CA HIS A 515 -5.88 -15.36 4.25
C HIS A 515 -4.73 -14.38 4.41
N ASN A 516 -5.07 -13.09 4.58
CA ASN A 516 -4.06 -12.05 4.77
C ASN A 516 -3.53 -12.14 6.20
N PHE A 517 -2.54 -13.01 6.40
CA PHE A 517 -1.95 -13.18 7.72
C PHE A 517 -0.55 -13.73 7.56
N HIS A 518 0.21 -13.71 8.65
CA HIS A 518 1.59 -14.19 8.66
C HIS A 518 1.75 -15.18 9.81
N GLN A 519 2.04 -16.43 9.49
CA GLN A 519 2.31 -17.44 10.51
C GLN A 519 3.72 -17.22 11.06
N LEU A 520 3.83 -17.07 12.38
CA LEU A 520 5.08 -16.68 13.01
C LEU A 520 5.91 -17.86 13.50
N SER A 521 5.33 -19.06 13.55
CA SER A 521 6.05 -20.24 14.00
C SER A 521 5.30 -21.47 13.55
N ALA A 522 5.98 -22.61 13.59
CA ALA A 522 5.34 -23.85 13.19
C ALA A 522 4.26 -24.23 14.19
N PRO A 523 3.12 -24.77 13.73
CA PRO A 523 2.09 -25.18 14.68
C PRO A 523 2.58 -26.28 15.60
N GLN A 524 2.18 -26.20 16.86
CA GLN A 524 2.53 -27.18 17.88
C GLN A 524 1.27 -27.78 18.49
N PRO A 525 1.33 -29.04 18.91
CA PRO A 525 0.13 -29.69 19.45
C PRO A 525 -0.29 -29.09 20.78
N CYS A 526 -1.60 -28.98 20.98
CA CYS A 526 -2.14 -28.36 22.19
C CYS A 526 -2.86 -29.38 23.05
N PHE A 527 -4.07 -29.76 22.66
CA PHE A 527 -4.88 -30.70 23.43
C PHE A 527 -5.05 -32.00 22.66
N THR A 528 -5.08 -33.11 23.39
CA THR A 528 -5.26 -34.44 22.82
C THR A 528 -6.30 -35.19 23.63
N PHE A 529 -7.20 -35.89 22.93
CA PHE A 529 -8.20 -36.73 23.55
C PHE A 529 -8.18 -38.10 22.88
N SER A 530 -8.49 -39.14 23.66
CA SER A 530 -8.49 -40.50 23.16
C SER A 530 -9.83 -41.16 23.49
N HIS A 531 -10.31 -42.00 22.57
CA HIS A 531 -11.59 -42.68 22.73
C HIS A 531 -11.47 -44.11 22.22
N PRO A 532 -11.87 -45.11 23.02
CA PRO A 532 -12.46 -45.01 24.36
C PRO A 532 -11.44 -44.60 25.42
N ASN A 533 -11.89 -43.89 26.45
CA ASN A 533 -11.01 -43.40 27.52
C ASN A 533 -11.10 -44.39 28.67
N ARG A 534 -10.23 -45.40 28.63
CA ARG A 534 -10.24 -46.48 29.62
C ARG A 534 -9.88 -45.98 31.02
N ASP A 535 -9.40 -44.75 31.16
CA ASP A 535 -8.93 -44.26 32.44
C ASP A 535 -10.09 -44.20 33.45
N PRO A 536 -9.84 -44.56 34.71
CA PRO A 536 -10.93 -44.53 35.71
C PRO A 536 -11.25 -43.12 36.18
N MET A 537 -10.25 -42.24 36.17
CA MET A 537 -10.40 -40.86 36.65
C MET A 537 -10.45 -39.91 35.45
N ILE A 538 -11.58 -39.91 34.76
CA ILE A 538 -11.72 -39.09 33.56
C ILE A 538 -11.76 -37.62 33.95
N ASP A 539 -10.98 -36.80 33.24
CA ASP A 539 -10.96 -35.36 33.47
C ASP A 539 -10.55 -34.70 32.15
N ASN A 540 -11.50 -34.01 31.52
CA ASN A 540 -11.26 -33.38 30.22
C ASN A 540 -10.73 -31.97 30.35
N ASN A 541 -10.51 -31.47 31.56
CA ASN A 541 -9.83 -30.20 31.73
C ASN A 541 -8.37 -30.31 31.31
N ARG A 542 -7.83 -29.23 30.77
CA ARG A 542 -6.46 -29.24 30.27
C ARG A 542 -5.79 -27.91 30.61
N TYR A 543 -4.46 -27.95 30.70
CA TYR A 543 -3.63 -26.77 30.84
C TYR A 543 -2.32 -27.05 30.12
N CYS A 544 -1.99 -26.22 29.14
CA CYS A 544 -0.88 -26.47 28.23
C CYS A 544 -0.06 -25.21 28.06
N THR A 545 1.27 -25.37 28.09
CA THR A 545 2.21 -24.28 27.87
C THR A 545 2.97 -24.53 26.57
N LEU A 546 3.05 -23.52 25.72
CA LEU A 546 3.73 -23.62 24.44
C LEU A 546 4.73 -22.47 24.30
N GLU A 547 5.84 -22.76 23.62
CA GLU A 547 6.90 -21.79 23.40
C GLU A 547 7.22 -21.77 21.91
N PHE A 548 6.92 -20.66 21.24
CA PHE A 548 7.09 -20.59 19.80
C PHE A 548 8.32 -19.77 19.46
N PRO A 549 9.37 -20.38 18.89
CA PRO A 549 10.54 -19.60 18.46
C PRO A 549 10.18 -18.75 17.25
N VAL A 550 10.25 -17.43 17.40
CA VAL A 550 9.99 -16.50 16.32
C VAL A 550 11.31 -15.99 15.76
N GLU A 551 11.49 -16.13 14.45
CA GLU A 551 12.74 -15.79 13.79
C GLU A 551 12.63 -14.52 12.97
N VAL A 552 11.66 -13.66 13.26
CA VAL A 552 11.47 -12.40 12.54
C VAL A 552 10.98 -11.35 13.52
N ASN A 553 11.01 -10.09 13.07
CA ASN A 553 10.34 -8.99 13.76
C ASN A 553 8.91 -8.90 13.23
N THR A 554 7.96 -8.72 14.15
CA THR A 554 6.55 -8.76 13.77
C THR A 554 5.73 -8.27 14.95
N VAL A 555 4.41 -8.29 14.78
CA VAL A 555 3.44 -7.93 15.81
C VAL A 555 2.46 -9.09 15.97
N LEU A 556 2.33 -9.58 17.20
CA LEU A 556 1.48 -10.73 17.49
C LEU A 556 0.04 -10.28 17.72
N HIS A 557 -0.88 -10.78 16.89
CA HIS A 557 -2.29 -10.43 17.00
C HIS A 557 -3.18 -11.58 17.47
N GLY A 558 -2.72 -12.81 17.39
CA GLY A 558 -3.54 -13.93 17.81
C GLY A 558 -2.90 -15.25 17.41
N PHE A 559 -3.62 -16.32 17.75
CA PHE A 559 -3.15 -17.68 17.52
C PHE A 559 -4.13 -18.43 16.66
N ALA A 560 -3.64 -19.02 15.56
CA ALA A 560 -4.46 -19.85 14.71
C ALA A 560 -4.57 -21.25 15.28
N GLY A 561 -5.73 -21.87 15.10
CA GLY A 561 -5.98 -23.21 15.60
C GLY A 561 -6.29 -24.17 14.46
N TYR A 562 -5.78 -25.39 14.57
CA TYR A 562 -6.07 -26.47 13.64
C TYR A 562 -6.28 -27.74 14.46
N PHE A 563 -6.51 -28.86 13.77
CA PHE A 563 -6.63 -30.13 14.47
C PHE A 563 -6.24 -31.27 13.54
N GLU A 564 -5.77 -32.35 14.15
CA GLU A 564 -5.59 -33.64 13.50
C GLU A 564 -6.43 -34.68 14.24
N THR A 565 -6.87 -35.70 13.51
CA THR A 565 -7.64 -36.76 14.15
C THR A 565 -7.32 -38.08 13.48
N VAL A 566 -7.41 -39.15 14.26
CA VAL A 566 -7.15 -40.51 13.79
C VAL A 566 -8.50 -41.21 13.72
N LEU A 567 -9.01 -41.40 12.51
CA LEU A 567 -10.22 -42.20 12.33
C LEU A 567 -9.95 -43.65 12.72
N TYR A 568 -8.93 -44.27 12.11
CA TYR A 568 -8.55 -45.64 12.41
C TYR A 568 -7.17 -45.93 11.83
N GLN A 569 -6.23 -46.36 12.68
CA GLN A 569 -4.88 -46.71 12.27
C GLN A 569 -4.21 -45.60 11.48
N ASP A 570 -4.10 -45.77 10.15
CA ASP A 570 -3.42 -44.80 9.31
C ASP A 570 -4.37 -43.86 8.58
N ILE A 571 -5.68 -44.12 8.60
CA ILE A 571 -6.63 -43.23 7.96
C ILE A 571 -6.88 -42.04 8.88
N THR A 572 -6.62 -40.84 8.38
CA THR A 572 -6.64 -39.64 9.21
C THR A 572 -7.38 -38.51 8.51
N LEU A 573 -7.76 -37.52 9.29
CA LEU A 573 -8.26 -36.24 8.80
C LEU A 573 -7.43 -35.14 9.44
N SER A 574 -7.12 -34.10 8.67
CA SER A 574 -6.27 -33.04 9.19
C SER A 574 -6.52 -31.74 8.42
N ILE A 575 -6.61 -30.64 9.16
CA ILE A 575 -6.57 -29.30 8.59
C ILE A 575 -5.30 -28.55 8.98
N ARG A 576 -4.40 -29.20 9.72
CA ARG A 576 -3.09 -28.64 10.00
C ARG A 576 -2.33 -28.47 8.68
N PRO A 577 -1.80 -27.27 8.40
CA PRO A 577 -1.29 -27.00 7.04
C PRO A 577 -0.25 -27.98 6.53
N GLU A 578 0.73 -28.37 7.36
CA GLU A 578 1.79 -29.24 6.89
C GLU A 578 1.32 -30.68 6.67
N THR A 579 0.22 -31.09 7.28
CA THR A 579 -0.34 -32.43 7.09
C THR A 579 -1.78 -32.38 6.60
N HIS A 580 -2.17 -31.30 5.93
CA HIS A 580 -3.56 -31.10 5.52
C HIS A 580 -4.02 -32.25 4.61
N SER A 581 -5.18 -32.83 4.94
CA SER A 581 -5.77 -33.88 4.13
C SER A 581 -6.01 -33.33 2.73
N PRO A 582 -5.32 -33.85 1.70
CA PRO A 582 -5.39 -33.23 0.37
C PRO A 582 -6.78 -33.34 -0.24
N GLY A 583 -7.34 -32.19 -0.61
CA GLY A 583 -8.61 -32.16 -1.30
C GLY A 583 -9.84 -32.08 -0.42
N MET A 584 -9.70 -31.69 0.84
CA MET A 584 -10.80 -31.69 1.80
C MET A 584 -11.24 -30.26 2.07
N PHE A 585 -12.52 -29.97 1.80
CA PHE A 585 -13.06 -28.64 2.08
C PHE A 585 -13.24 -28.40 3.57
N SER A 586 -13.55 -29.46 4.32
CA SER A 586 -14.16 -29.30 5.64
C SER A 586 -13.22 -28.65 6.63
N TRP A 587 -13.81 -27.84 7.52
CA TRP A 587 -13.15 -27.19 8.65
C TRP A 587 -12.16 -26.11 8.24
N PHE A 588 -12.57 -24.85 8.39
CA PHE A 588 -11.65 -23.73 8.33
C PHE A 588 -10.86 -23.65 9.64
N PRO A 589 -9.77 -22.90 9.67
CA PRO A 589 -9.05 -22.72 10.93
C PRO A 589 -9.84 -21.86 11.91
N ILE A 590 -9.44 -21.95 13.18
CA ILE A 590 -10.03 -21.17 14.24
C ILE A 590 -9.03 -20.09 14.65
N LEU A 591 -9.54 -18.99 15.20
CA LEU A 591 -8.71 -17.84 15.53
C LEU A 591 -8.95 -17.43 16.97
N PHE A 592 -7.91 -17.48 17.79
CA PHE A 592 -7.97 -16.96 19.15
C PHE A 592 -7.30 -15.59 19.17
N PRO A 593 -8.05 -14.50 19.26
CA PRO A 593 -7.43 -13.17 19.28
C PRO A 593 -6.92 -12.82 20.67
N ILE A 594 -6.12 -11.76 20.71
CA ILE A 594 -5.65 -11.17 21.96
C ILE A 594 -6.03 -9.68 21.95
N LYS A 595 -6.33 -9.16 23.15
CA LYS A 595 -6.84 -7.80 23.26
C LYS A 595 -5.86 -6.78 22.68
N GLN A 596 -4.59 -6.90 23.05
CA GLN A 596 -3.59 -5.92 22.68
C GLN A 596 -2.50 -6.57 21.86
N PRO A 597 -2.15 -6.01 20.69
CA PRO A 597 -1.02 -6.53 19.92
C PRO A 597 0.26 -6.50 20.72
N ILE A 598 1.19 -7.38 20.37
CA ILE A 598 2.43 -7.56 21.10
C ILE A 598 3.59 -7.53 20.12
N THR A 599 4.50 -6.59 20.31
CA THR A 599 5.72 -6.54 19.50
C THR A 599 6.61 -7.74 19.81
N VAL A 600 7.14 -8.37 18.77
CA VAL A 600 8.06 -9.49 18.92
C VAL A 600 9.29 -9.23 18.05
N ARG A 601 10.46 -9.27 18.66
CA ARG A 601 11.72 -9.09 17.95
C ARG A 601 12.26 -10.43 17.47
N GLU A 602 13.15 -10.36 16.48
CA GLU A 602 13.79 -11.56 15.95
C GLU A 602 14.52 -12.33 17.04
N GLY A 603 14.31 -13.64 17.06
CA GLY A 603 14.93 -14.50 18.05
C GLY A 603 14.16 -14.65 19.35
N GLN A 604 13.17 -13.79 19.60
CA GLN A 604 12.41 -13.92 20.84
C GLN A 604 11.46 -15.11 20.76
N THR A 605 11.06 -15.60 21.94
CA THR A 605 10.15 -16.71 22.06
C THR A 605 8.78 -16.19 22.49
N ILE A 606 7.74 -16.59 21.77
CA ILE A 606 6.37 -16.35 22.19
C ILE A 606 5.93 -17.53 23.04
N CYS A 607 5.54 -17.24 24.28
CA CYS A 607 5.08 -18.26 25.21
C CYS A 607 3.60 -18.03 25.50
N VAL A 608 2.77 -19.00 25.14
CA VAL A 608 1.33 -18.90 25.33
C VAL A 608 0.88 -20.04 26.24
N ARG A 609 -0.15 -19.76 27.04
CA ARG A 609 -0.77 -20.73 27.92
C ARG A 609 -2.22 -20.89 27.54
N PHE A 610 -2.70 -22.13 27.51
CA PHE A 610 -4.09 -22.42 27.20
C PHE A 610 -4.67 -23.34 28.26
N TRP A 611 -5.92 -23.08 28.63
CA TRP A 611 -6.67 -23.93 29.53
C TRP A 611 -7.97 -24.35 28.88
N ARG A 612 -8.33 -25.61 29.05
CA ARG A 612 -9.68 -26.08 28.75
C ARG A 612 -10.38 -26.25 30.09
N CYS A 613 -11.30 -25.35 30.41
CA CYS A 613 -11.99 -25.34 31.68
C CYS A 613 -13.44 -25.80 31.51
N SER A 614 -14.04 -26.23 32.61
CA SER A 614 -15.40 -26.74 32.54
C SER A 614 -16.03 -26.73 33.93
N ASN A 615 -17.35 -26.66 33.95
CA ASN A 615 -18.14 -27.04 35.12
C ASN A 615 -19.19 -28.03 34.61
N SER A 616 -20.26 -28.22 35.40
CA SER A 616 -21.30 -29.14 34.99
C SER A 616 -22.14 -28.59 33.84
N LYS A 617 -22.10 -27.28 33.59
CA LYS A 617 -22.97 -26.64 32.62
C LYS A 617 -22.26 -26.28 31.31
N LYS A 618 -21.00 -25.85 31.38
CA LYS A 618 -20.32 -25.23 30.25
C LYS A 618 -18.86 -25.64 30.22
N VAL A 619 -18.30 -25.63 29.01
CA VAL A 619 -16.87 -25.80 28.79
C VAL A 619 -16.37 -24.57 28.03
N TRP A 620 -15.15 -24.15 28.32
CA TRP A 620 -14.61 -22.96 27.67
C TRP A 620 -13.09 -23.00 27.69
N TYR A 621 -12.49 -22.07 26.96
CA TYR A 621 -11.05 -21.91 26.89
C TYR A 621 -10.62 -20.60 27.52
N GLU A 622 -9.51 -20.63 28.24
CA GLU A 622 -8.83 -19.43 28.69
C GLU A 622 -7.40 -19.46 28.17
N TRP A 623 -6.86 -18.29 27.84
CA TRP A 623 -5.52 -18.25 27.28
C TRP A 623 -4.83 -16.95 27.66
N ALA A 624 -3.49 -17.02 27.76
CA ALA A 624 -2.68 -15.87 28.10
C ALA A 624 -1.32 -16.00 27.42
N VAL A 625 -0.73 -14.85 27.10
CA VAL A 625 0.64 -14.78 26.60
C VAL A 625 1.54 -14.39 27.75
N THR A 626 2.64 -15.12 27.93
CA THR A 626 3.56 -14.86 29.03
C THR A 626 4.94 -14.39 28.59
N ALA A 627 5.26 -14.44 27.30
CA ALA A 627 6.56 -14.01 26.82
C ALA A 627 6.43 -13.61 25.36
N PRO A 628 7.11 -12.56 24.89
CA PRO A 628 8.09 -11.71 25.61
C PRO A 628 7.44 -10.81 26.66
N VAL A 629 6.15 -10.49 26.52
CA VAL A 629 5.42 -9.73 27.51
C VAL A 629 4.26 -10.58 28.01
N CYS A 630 3.63 -10.13 29.08
CA CYS A 630 2.45 -10.79 29.64
C CYS A 630 1.19 -10.08 29.14
N SER A 631 0.27 -10.86 28.58
CA SER A 631 -1.06 -10.36 28.30
C SER A 631 -1.97 -10.64 29.49
N ALA A 632 -3.17 -10.07 29.45
CA ALA A 632 -4.18 -10.42 30.43
C ALA A 632 -4.71 -11.81 30.11
N ILE A 633 -5.22 -12.50 31.15
CA ILE A 633 -5.91 -13.75 30.93
C ILE A 633 -7.21 -13.47 30.17
N HIS A 634 -7.43 -14.21 29.09
CA HIS A 634 -8.57 -13.99 28.21
C HIS A 634 -9.68 -14.99 28.53
N ASN A 635 -10.92 -14.51 28.42
CA ASN A 635 -12.12 -15.28 28.74
C ASN A 635 -12.04 -15.98 30.10
N PRO A 636 -11.70 -15.26 31.18
CA PRO A 636 -11.68 -15.91 32.49
C PRO A 636 -13.09 -16.25 32.96
N THR A 637 -13.24 -17.45 33.52
CA THR A 637 -14.52 -17.98 33.99
C THR A 637 -15.55 -18.03 32.86
N GLY A 638 -15.08 -18.15 31.62
CA GLY A 638 -15.97 -18.11 30.46
C GLY A 638 -16.86 -16.89 30.37
N ARG A 639 -16.41 -15.77 30.95
CA ARG A 639 -17.29 -14.59 31.05
C ARG A 639 -17.75 -14.10 29.67
N SER A 640 -16.93 -14.32 28.64
CA SER A 640 -17.26 -13.85 27.29
C SER A 640 -17.62 -14.97 26.34
N TYR A 641 -17.26 -16.21 26.65
CA TYR A 641 -17.50 -17.31 25.72
C TYR A 641 -17.53 -18.62 26.47
N THR A 642 -18.61 -19.36 26.30
CA THR A 642 -18.75 -20.71 26.84
C THR A 642 -19.37 -21.59 25.78
N ILE A 643 -19.02 -22.88 25.82
CA ILE A 643 -19.61 -23.89 24.95
C ILE A 643 -20.62 -24.66 25.78
N GLY A 644 -21.87 -24.69 25.33
CA GLY A 644 -22.94 -25.25 26.13
C GLY A 644 -22.89 -26.77 26.14
N LEU A 645 -23.02 -27.35 27.33
CA LEU A 645 -23.10 -28.79 27.49
C LEU A 645 -24.52 -29.29 27.29
N LEU B 27 -0.64 40.19 -32.43
CA LEU B 27 -1.28 38.89 -32.62
C LEU B 27 -0.58 38.07 -33.70
N PRO B 28 0.58 37.51 -33.36
CA PRO B 28 1.34 36.71 -34.34
C PRO B 28 0.62 35.41 -34.67
N PRO B 29 1.01 34.75 -35.76
CA PRO B 29 0.33 33.50 -36.13
C PRO B 29 0.66 32.36 -35.17
N ASN B 30 -0.29 31.43 -35.06
CA ASN B 30 -0.15 30.24 -34.21
C ASN B 30 0.19 30.61 -32.77
N ALA B 31 -0.32 31.76 -32.31
CA ALA B 31 -0.14 32.21 -30.95
C ALA B 31 -1.49 32.26 -30.24
N PRO B 32 -1.59 31.72 -29.03
CA PRO B 32 -2.89 31.73 -28.33
C PRO B 32 -3.34 33.15 -28.03
N ALA B 33 -4.66 33.37 -28.08
CA ALA B 33 -5.18 34.71 -27.88
C ALA B 33 -5.13 35.10 -26.41
N CYS B 34 -5.15 34.13 -25.51
CA CYS B 34 -5.12 34.36 -24.08
C CYS B 34 -3.88 33.71 -23.49
N MET B 35 -3.18 34.43 -22.63
CA MET B 35 -2.02 33.89 -21.94
C MET B 35 -2.44 33.37 -20.57
N GLU B 36 -1.76 32.32 -20.12
CA GLU B 36 -2.06 31.72 -18.83
C GLU B 36 -1.75 32.69 -17.70
N ARG B 37 -2.50 32.55 -16.61
CA ARG B 37 -2.42 33.50 -15.50
C ARG B 37 -1.05 33.47 -14.83
N GLN B 38 -0.57 32.28 -14.48
CA GLN B 38 0.60 32.14 -13.62
C GLN B 38 1.87 32.22 -14.46
N LEU B 39 2.61 33.32 -14.31
CA LEU B 39 3.89 33.51 -14.98
C LEU B 39 4.99 32.85 -14.17
N GLU B 40 5.78 31.99 -14.80
CA GLU B 40 6.76 31.18 -14.09
C GLU B 40 8.21 31.60 -14.32
N ALA B 41 8.55 32.14 -15.48
CA ALA B 41 9.93 32.46 -15.78
C ALA B 41 10.00 33.64 -16.74
N ALA B 42 11.10 34.40 -16.64
CA ALA B 42 11.37 35.53 -17.53
C ALA B 42 12.87 35.65 -17.68
N ARG B 43 13.35 35.59 -18.93
CA ARG B 43 14.78 35.61 -19.21
C ARG B 43 15.07 36.53 -20.39
N TYR B 44 16.03 37.44 -20.21
CA TYR B 44 16.52 38.27 -21.30
C TYR B 44 17.61 37.54 -22.08
N ARG B 45 17.72 37.86 -23.36
CA ARG B 45 18.79 37.36 -24.20
C ARG B 45 19.73 38.52 -24.58
N SER B 46 20.60 38.27 -25.56
CA SER B 46 21.64 39.24 -25.89
C SER B 46 21.06 40.56 -26.37
N ASP B 47 20.24 40.53 -27.42
CA ASP B 47 19.75 41.75 -28.03
C ASP B 47 18.72 42.48 -27.17
N GLY B 48 18.12 41.82 -26.18
CA GLY B 48 17.22 42.49 -25.26
C GLY B 48 15.78 42.00 -25.30
N ALA B 49 15.46 41.03 -26.15
CA ALA B 49 14.12 40.47 -26.20
C ALA B 49 13.85 39.67 -24.93
N LEU B 50 12.59 39.71 -24.49
CA LEU B 50 12.19 39.08 -23.24
C LEU B 50 11.42 37.79 -23.55
N LEU B 51 11.90 36.69 -22.98
CA LEU B 51 11.23 35.40 -23.07
C LEU B 51 10.32 35.21 -21.86
N LEU B 52 9.07 34.85 -22.11
CA LEU B 52 8.09 34.65 -21.05
C LEU B 52 7.59 33.21 -21.06
N GLY B 53 7.60 32.59 -19.89
CA GLY B 53 7.04 31.27 -19.72
C GLY B 53 5.92 31.27 -18.71
N ALA B 54 4.74 30.80 -19.10
CA ALA B 54 3.57 30.83 -18.25
C ALA B 54 2.87 29.49 -18.31
N SER B 55 2.08 29.22 -17.27
CA SER B 55 1.28 28.00 -17.20
C SER B 55 0.03 28.30 -16.38
N SER B 56 -1.06 27.62 -16.71
CA SER B 56 -2.31 27.74 -15.97
C SER B 56 -2.34 26.65 -14.90
N LEU B 57 -2.30 27.07 -13.64
CA LEU B 57 -2.33 26.14 -12.50
C LEU B 57 -3.72 25.94 -11.93
N SER B 58 -4.74 26.55 -12.53
CA SER B 58 -6.11 26.38 -12.08
C SER B 58 -7.04 26.58 -13.26
N GLY B 59 -8.28 26.20 -13.07
CA GLY B 59 -9.25 26.27 -14.14
C GLY B 59 -9.39 24.95 -14.87
N ARG B 60 -10.17 24.99 -15.95
CA ARG B 60 -10.49 23.78 -16.70
C ARG B 60 -9.23 23.14 -17.26
N CYS B 61 -8.47 23.89 -18.05
N CYS B 61 -8.47 23.89 -18.06
CA CYS B 61 -7.28 23.38 -18.71
CA CYS B 61 -7.28 23.38 -18.71
C CYS B 61 -6.04 23.74 -17.91
C CYS B 61 -6.03 23.74 -17.90
N TRP B 62 -5.13 22.78 -17.79
CA TRP B 62 -3.86 22.93 -17.07
C TRP B 62 -2.73 22.75 -18.09
N ALA B 63 -2.38 23.82 -18.79
CA ALA B 63 -1.34 23.77 -19.81
C ALA B 63 -0.36 24.91 -19.58
N GLY B 64 0.40 25.25 -20.61
CA GLY B 64 1.38 26.33 -20.54
C GLY B 64 1.66 26.88 -21.91
N SER B 65 2.43 27.97 -21.94
CA SER B 65 2.71 28.65 -23.20
C SER B 65 4.10 29.28 -23.14
N LEU B 66 4.58 29.70 -24.31
CA LEU B 66 5.86 30.36 -24.47
C LEU B 66 5.66 31.63 -25.28
N TRP B 67 6.37 32.70 -24.90
CA TRP B 67 6.18 34.01 -25.52
C TRP B 67 7.51 34.71 -25.69
N LEU B 68 7.57 35.57 -26.70
CA LEU B 68 8.76 36.38 -26.98
C LEU B 68 8.33 37.82 -27.18
N PHE B 69 8.91 38.73 -26.39
CA PHE B 69 8.59 40.16 -26.43
C PHE B 69 9.86 40.93 -26.77
N LYS B 70 10.01 41.30 -28.04
CA LYS B 70 11.09 42.21 -28.42
C LYS B 70 10.88 43.60 -27.81
N ASP B 71 9.66 43.91 -27.36
CA ASP B 71 9.36 45.11 -26.59
C ASP B 71 9.07 44.69 -25.16
N PRO B 72 10.01 44.84 -24.22
CA PRO B 72 9.75 44.38 -22.84
C PRO B 72 8.62 45.12 -22.15
N CYS B 73 8.43 46.40 -22.45
CA CYS B 73 7.37 47.17 -21.79
C CYS B 73 5.98 46.78 -22.27
N ALA B 74 5.86 46.16 -23.45
CA ALA B 74 4.58 45.70 -23.96
C ALA B 74 4.07 44.45 -23.26
N ALA B 75 4.94 43.75 -22.54
CA ALA B 75 4.52 42.55 -21.82
C ALA B 75 3.72 42.93 -20.58
N PRO B 76 2.81 42.05 -20.13
CA PRO B 76 2.46 40.72 -20.68
C PRO B 76 1.28 40.75 -21.64
N ASN B 77 1.03 41.86 -22.33
CA ASN B 77 -0.10 41.96 -23.25
C ASN B 77 0.14 41.06 -24.46
N GLU B 78 -0.79 40.13 -24.69
CA GLU B 78 -0.61 39.13 -25.74
C GLU B 78 -0.70 39.72 -27.15
N GLY B 79 -1.41 40.83 -27.33
CA GLY B 79 -1.60 41.39 -28.65
C GLY B 79 -0.37 42.08 -29.21
N PHE B 80 0.61 42.39 -28.36
CA PHE B 80 1.80 43.09 -28.81
C PHE B 80 3.06 42.31 -28.46
N CYS B 81 3.12 41.05 -28.89
CA CYS B 81 4.29 40.20 -28.70
C CYS B 81 4.89 39.86 -30.07
N SER B 82 6.10 39.33 -30.03
CA SER B 82 6.80 38.95 -31.26
C SER B 82 6.44 37.54 -31.72
N ALA B 83 6.18 36.63 -30.79
CA ALA B 83 5.81 35.26 -31.13
C ALA B 83 5.19 34.61 -29.91
N GLY B 84 4.60 33.43 -30.13
CA GLY B 84 3.95 32.70 -29.06
C GLY B 84 3.52 31.33 -29.54
N VAL B 85 3.31 30.44 -28.57
CA VAL B 85 2.89 29.08 -28.86
C VAL B 85 2.36 28.47 -27.58
N GLN B 86 1.44 27.51 -27.73
CA GLN B 86 0.89 26.77 -26.61
C GLN B 86 1.60 25.43 -26.47
N THR B 87 1.77 24.98 -25.24
CA THR B 87 2.35 23.67 -24.96
C THR B 87 1.29 22.73 -24.41
N GLU B 88 1.60 21.44 -24.42
CA GLU B 88 0.63 20.43 -23.97
C GLU B 88 0.41 20.53 -22.46
N ALA B 89 1.48 20.75 -21.69
CA ALA B 89 1.41 20.80 -20.24
C ALA B 89 2.05 22.09 -19.75
N GLY B 90 2.15 22.21 -18.43
CA GLY B 90 2.64 23.43 -17.83
C GLY B 90 4.13 23.62 -18.01
N VAL B 91 4.60 24.80 -17.64
CA VAL B 91 6.00 25.18 -17.71
C VAL B 91 6.50 25.36 -16.29
N ALA B 92 7.28 24.40 -15.80
CA ALA B 92 7.83 24.52 -14.45
C ALA B 92 9.11 25.34 -14.43
N ASP B 93 9.91 25.26 -15.49
CA ASP B 93 11.14 26.05 -15.61
C ASP B 93 11.55 26.08 -17.07
N LEU B 94 12.33 27.11 -17.43
CA LEU B 94 12.89 27.19 -18.77
C LEU B 94 14.21 27.94 -18.71
N THR B 95 14.89 27.99 -19.85
CA THR B 95 16.15 28.70 -20.01
C THR B 95 16.45 28.80 -21.50
N TRP B 96 17.23 29.83 -21.86
CA TRP B 96 17.64 30.00 -23.24
C TRP B 96 18.66 28.94 -23.64
N VAL B 97 18.70 28.63 -24.94
CA VAL B 97 19.74 27.81 -25.53
C VAL B 97 20.31 28.63 -26.69
N GLY B 98 21.38 29.36 -26.42
CA GLY B 98 21.92 30.24 -27.44
C GLY B 98 21.04 31.45 -27.62
N GLU B 99 20.75 31.81 -28.87
CA GLU B 99 19.93 32.97 -29.18
C GLU B 99 18.56 32.63 -29.75
N ARG B 100 18.35 31.40 -30.24
CA ARG B 100 17.07 31.01 -30.81
C ARG B 100 16.52 29.72 -30.21
N GLY B 101 17.11 29.22 -29.13
CA GLY B 101 16.69 27.97 -28.52
C GLY B 101 16.06 28.19 -27.16
N ILE B 102 14.97 27.48 -26.90
CA ILE B 102 14.27 27.55 -25.62
C ILE B 102 14.12 26.13 -25.10
N LEU B 103 14.65 25.88 -23.90
CA LEU B 103 14.62 24.58 -23.27
C LEU B 103 13.63 24.63 -22.10
N VAL B 104 12.71 23.66 -22.06
CA VAL B 104 11.53 23.72 -21.19
C VAL B 104 11.49 22.48 -20.31
N ALA B 105 11.24 22.69 -19.01
CA ALA B 105 10.96 21.62 -18.07
C ALA B 105 9.45 21.53 -17.87
N SER B 106 8.84 20.46 -18.36
CA SER B 106 7.39 20.34 -18.43
C SER B 106 6.83 19.53 -17.26
N ASP B 107 5.57 19.82 -16.91
CA ASP B 107 4.88 19.03 -15.90
C ASP B 107 4.71 17.58 -16.35
N SER B 108 4.68 17.34 -17.66
CA SER B 108 4.43 16.02 -18.23
C SER B 108 5.59 15.05 -18.02
N GLY B 109 6.67 15.46 -17.35
CA GLY B 109 7.84 14.61 -17.23
C GLY B 109 8.79 14.69 -18.39
N ALA B 110 8.48 15.47 -19.42
CA ALA B 110 9.33 15.62 -20.58
C ALA B 110 10.16 16.89 -20.49
N VAL B 111 11.31 16.88 -21.16
CA VAL B 111 12.13 18.06 -21.38
C VAL B 111 12.01 18.40 -22.85
N GLU B 112 11.50 19.59 -23.16
CA GLU B 112 11.29 20.02 -24.52
C GLU B 112 12.32 21.07 -24.91
N LEU B 113 12.63 21.10 -26.20
CA LEU B 113 13.45 22.14 -26.79
C LEU B 113 12.66 22.75 -27.95
N TRP B 114 12.47 24.05 -27.91
CA TRP B 114 11.83 24.79 -28.98
C TRP B 114 12.84 25.73 -29.62
N GLU B 115 12.67 26.01 -30.91
CA GLU B 115 13.61 26.86 -31.63
C GLU B 115 12.84 27.85 -32.50
N LEU B 116 13.21 29.12 -32.41
CA LEU B 116 12.65 30.14 -33.28
C LEU B 116 13.05 29.89 -34.73
N ASP B 117 12.21 30.35 -35.64
CA ASP B 117 12.54 30.29 -37.06
C ASP B 117 13.56 31.37 -37.40
N GLU B 118 13.93 31.45 -38.68
CA GLU B 118 14.84 32.50 -39.12
C GLU B 118 14.20 33.88 -39.00
N ASN B 119 12.88 33.95 -39.13
CA ASN B 119 12.15 35.21 -39.03
C ASN B 119 11.75 35.56 -37.59
N GLU B 120 11.89 34.62 -36.66
CA GLU B 120 11.53 34.82 -35.25
C GLU B 120 10.07 35.23 -35.07
N THR B 121 9.19 34.70 -35.92
CA THR B 121 7.75 34.93 -35.79
C THR B 121 7.00 33.69 -35.33
N LEU B 122 7.63 32.51 -35.40
CA LEU B 122 7.03 31.26 -34.93
C LEU B 122 7.95 30.59 -33.94
N ILE B 123 7.35 29.85 -33.01
CA ILE B 123 8.08 29.06 -32.02
C ILE B 123 7.72 27.60 -32.27
N VAL B 124 8.65 26.84 -32.84
CA VAL B 124 8.42 25.48 -33.29
C VAL B 124 9.11 24.52 -32.32
N SER B 125 8.46 23.39 -32.05
CA SER B 125 9.04 22.36 -31.20
C SER B 125 10.15 21.62 -31.94
N LYS B 126 11.32 21.53 -31.32
CA LYS B 126 12.44 20.81 -31.91
C LYS B 126 12.40 19.33 -31.54
N PHE B 127 12.31 19.03 -30.24
CA PHE B 127 12.13 17.66 -29.79
C PHE B 127 11.42 17.66 -28.45
N CYS B 128 10.80 16.52 -28.14
CA CYS B 128 10.04 16.33 -26.91
C CYS B 128 10.25 14.89 -26.46
N LYS B 129 11.04 14.69 -25.41
CA LYS B 129 11.42 13.36 -24.94
C LYS B 129 10.91 13.18 -23.51
N TYR B 130 10.07 12.16 -23.30
CA TYR B 130 9.52 11.86 -21.99
C TYR B 130 10.47 10.90 -21.29
N GLU B 131 11.42 11.46 -20.52
CA GLU B 131 12.43 10.65 -19.84
C GLU B 131 12.30 10.65 -18.33
N HIS B 132 11.79 11.73 -17.72
CA HIS B 132 11.56 11.73 -16.29
C HIS B 132 10.20 11.11 -15.99
N ASP B 133 10.08 10.53 -14.78
CA ASP B 133 8.86 9.86 -14.37
C ASP B 133 7.90 10.78 -13.62
N ASP B 134 8.31 11.99 -13.27
CA ASP B 134 7.46 12.93 -12.55
C ASP B 134 7.68 14.31 -13.14
N ILE B 135 7.19 15.34 -12.44
CA ILE B 135 7.31 16.71 -12.92
C ILE B 135 8.78 17.11 -13.01
N VAL B 136 9.19 17.60 -14.17
CA VAL B 136 10.52 18.19 -14.34
C VAL B 136 10.46 19.60 -13.76
N SER B 137 11.14 19.81 -12.62
CA SER B 137 11.03 21.07 -11.89
C SER B 137 12.10 22.09 -12.26
N THR B 138 13.29 21.64 -12.67
CA THR B 138 14.39 22.56 -12.93
C THR B 138 15.18 22.09 -14.13
N VAL B 139 15.77 23.06 -14.85
CA VAL B 139 16.58 22.76 -16.02
C VAL B 139 17.62 23.86 -16.17
N SER B 140 18.78 23.52 -16.73
CA SER B 140 19.89 24.45 -16.83
C SER B 140 20.82 24.01 -17.96
N VAL B 141 21.28 24.97 -18.76
CA VAL B 141 22.18 24.71 -19.87
C VAL B 141 23.63 24.85 -19.40
N LEU B 142 24.48 23.92 -19.82
CA LEU B 142 25.87 23.89 -19.39
C LEU B 142 26.70 24.89 -20.21
N SER B 143 28.01 24.90 -19.95
CA SER B 143 28.88 25.92 -20.52
C SER B 143 29.00 25.80 -22.03
N SER B 144 29.13 24.58 -22.55
CA SER B 144 29.33 24.40 -23.99
C SER B 144 28.11 24.80 -24.80
N GLY B 145 26.94 24.94 -24.18
CA GLY B 145 25.74 25.24 -24.93
C GLY B 145 25.19 24.07 -25.71
N THR B 146 25.80 22.89 -25.61
CA THR B 146 25.35 21.70 -26.30
C THR B 146 24.82 20.62 -25.38
N GLN B 147 24.94 20.80 -24.06
CA GLN B 147 24.43 19.85 -23.08
C GLN B 147 23.66 20.60 -22.01
N ALA B 148 22.77 19.89 -21.33
CA ALA B 148 21.95 20.49 -20.29
C ALA B 148 21.65 19.46 -19.21
N VAL B 149 21.40 19.95 -18.00
CA VAL B 149 21.12 19.10 -16.85
C VAL B 149 19.73 19.46 -16.32
N SER B 150 18.94 18.43 -16.00
CA SER B 150 17.56 18.61 -15.58
C SER B 150 17.30 17.85 -14.29
N GLY B 151 16.43 18.42 -13.45
CA GLY B 151 16.05 17.79 -12.21
C GLY B 151 14.53 17.65 -12.14
N SER B 152 14.08 16.59 -11.46
CA SER B 152 12.67 16.28 -11.41
C SER B 152 12.28 15.76 -10.03
N LYS B 153 10.97 15.68 -9.80
CA LYS B 153 10.44 15.13 -8.56
C LYS B 153 10.58 13.62 -8.50
N ASP B 154 10.94 12.97 -9.60
CA ASP B 154 11.27 11.55 -9.58
C ASP B 154 12.66 11.28 -8.99
N ILE B 155 13.29 12.29 -8.39
CA ILE B 155 14.54 12.20 -7.62
C ILE B 155 15.75 12.07 -8.56
N CYS B 156 15.49 11.94 -9.86
CA CYS B 156 16.56 11.76 -10.83
C CYS B 156 17.14 13.09 -11.30
N ILE B 157 18.37 13.02 -11.79
CA ILE B 157 19.05 14.13 -12.46
C ILE B 157 19.63 13.58 -13.75
N LYS B 158 19.39 14.27 -14.87
CA LYS B 158 19.76 13.75 -16.18
C LYS B 158 20.63 14.76 -16.92
N VAL B 159 21.68 14.25 -17.57
CA VAL B 159 22.54 15.04 -18.43
C VAL B 159 22.15 14.76 -19.87
N TRP B 160 21.82 15.80 -20.61
CA TRP B 160 21.24 15.67 -21.94
C TRP B 160 22.25 16.04 -23.02
N ASP B 161 22.11 15.40 -24.18
CA ASP B 161 22.82 15.78 -25.40
C ASP B 161 21.80 16.51 -26.28
N LEU B 162 21.89 17.85 -26.28
CA LEU B 162 20.91 18.67 -26.99
C LEU B 162 20.94 18.44 -28.50
N ALA B 163 22.06 17.95 -29.04
CA ALA B 163 22.20 17.67 -30.47
C ALA B 163 21.65 16.32 -30.87
N GLN B 164 21.91 15.28 -30.07
CA GLN B 164 21.44 13.93 -30.39
C GLN B 164 20.07 13.62 -29.79
N GLN B 165 19.50 14.54 -29.01
CA GLN B 165 18.17 14.37 -28.43
C GLN B 165 18.09 13.11 -27.56
N VAL B 166 19.16 12.83 -26.82
CA VAL B 166 19.23 11.64 -25.98
C VAL B 166 19.78 12.02 -24.61
N VAL B 167 19.53 11.14 -23.64
CA VAL B 167 20.06 11.30 -22.29
C VAL B 167 21.45 10.68 -22.24
N LEU B 168 22.45 11.50 -21.92
CA LEU B 168 23.81 10.98 -21.80
C LEU B 168 23.96 10.13 -20.55
N SER B 169 23.68 10.72 -19.39
CA SER B 169 23.78 10.03 -18.11
C SER B 169 22.53 10.29 -17.29
N SER B 170 22.22 9.35 -16.40
CA SER B 170 21.09 9.48 -15.49
C SER B 170 21.58 9.15 -14.08
N TYR B 171 21.51 10.14 -13.19
CA TYR B 171 22.02 10.02 -11.83
C TYR B 171 20.88 10.08 -10.82
N ARG B 172 20.92 9.19 -9.84
CA ARG B 172 19.97 9.18 -8.73
C ARG B 172 20.79 9.31 -7.45
N ALA B 173 21.25 10.52 -7.17
CA ALA B 173 22.07 10.75 -5.99
C ALA B 173 21.26 11.21 -4.79
N HIS B 174 20.18 11.95 -5.02
CA HIS B 174 19.35 12.44 -3.93
C HIS B 174 18.39 11.34 -3.47
N ALA B 175 17.64 11.64 -2.41
CA ALA B 175 16.59 10.76 -1.92
C ALA B 175 15.24 11.47 -1.84
N ALA B 176 15.09 12.58 -2.54
CA ALA B 176 13.87 13.38 -2.49
C ALA B 176 13.76 14.18 -3.78
N GLN B 177 12.80 15.10 -3.83
CA GLN B 177 12.61 15.92 -5.02
C GLN B 177 13.85 16.78 -5.27
N VAL B 178 14.25 16.87 -6.54
CA VAL B 178 15.36 17.73 -6.93
C VAL B 178 14.82 19.14 -7.14
N THR B 179 15.18 20.04 -6.22
CA THR B 179 14.56 21.37 -6.21
C THR B 179 15.19 22.30 -7.23
N CYS B 180 16.51 22.23 -7.43
CA CYS B 180 17.19 23.17 -8.29
C CYS B 180 18.49 22.57 -8.80
N VAL B 181 18.79 22.79 -10.07
CA VAL B 181 20.08 22.45 -10.65
C VAL B 181 20.60 23.66 -11.41
N ALA B 182 21.88 23.97 -11.21
CA ALA B 182 22.50 25.15 -11.81
C ALA B 182 23.85 24.76 -12.39
N ALA B 183 23.98 24.89 -13.72
CA ALA B 183 25.24 24.59 -14.38
C ALA B 183 26.32 25.60 -13.98
N SER B 184 27.55 25.12 -13.93
CA SER B 184 28.67 26.01 -13.67
C SER B 184 28.79 27.00 -14.83
N PRO B 185 29.14 28.26 -14.55
CA PRO B 185 29.22 29.25 -15.64
C PRO B 185 30.26 28.93 -16.71
N HIS B 186 31.42 28.38 -16.32
CA HIS B 186 32.49 28.15 -17.28
C HIS B 186 33.05 26.74 -17.29
N LYS B 187 32.82 25.93 -16.25
CA LYS B 187 33.27 24.55 -16.23
C LYS B 187 32.16 23.67 -16.80
N ASP B 188 32.40 23.12 -17.98
CA ASP B 188 31.35 22.42 -18.73
C ASP B 188 30.88 21.13 -18.06
N SER B 189 31.62 20.60 -17.09
CA SER B 189 31.27 19.35 -16.43
C SER B 189 30.80 19.54 -15.00
N VAL B 190 30.77 20.76 -14.50
CA VAL B 190 30.44 21.04 -13.10
C VAL B 190 29.04 21.65 -13.05
N PHE B 191 28.27 21.27 -12.03
CA PHE B 191 26.98 21.91 -11.77
C PHE B 191 26.58 21.61 -10.34
N LEU B 192 25.65 22.41 -9.83
CA LEU B 192 25.13 22.26 -8.48
C LEU B 192 23.71 21.71 -8.51
N SER B 193 23.33 21.03 -7.43
CA SER B 193 21.97 20.54 -7.27
C SER B 193 21.64 20.50 -5.79
N CYS B 194 20.39 20.81 -5.47
CA CYS B 194 19.89 20.71 -4.10
C CYS B 194 18.56 19.96 -4.12
N SER B 195 18.19 19.44 -2.97
CA SER B 195 17.01 18.60 -2.88
C SER B 195 16.41 18.71 -1.49
N GLU B 196 15.16 18.25 -1.38
CA GLU B 196 14.49 18.25 -0.08
C GLU B 196 15.05 17.22 0.88
N ASP B 197 16.05 16.44 0.47
CA ASP B 197 16.78 15.59 1.39
C ASP B 197 17.85 16.35 2.17
N ASN B 198 17.85 17.69 2.07
CA ASN B 198 18.79 18.55 2.78
C ASN B 198 20.23 18.31 2.34
N ARG B 199 20.42 17.93 1.08
CA ARG B 199 21.73 17.78 0.48
C ARG B 199 21.96 18.86 -0.56
N ILE B 200 23.15 19.46 -0.53
CA ILE B 200 23.64 20.30 -1.61
C ILE B 200 24.80 19.56 -2.26
N LEU B 201 24.66 19.23 -3.54
CA LEU B 201 25.62 18.39 -4.23
C LEU B 201 26.38 19.18 -5.28
N LEU B 202 27.71 19.13 -5.21
CA LEU B 202 28.58 19.65 -6.25
C LEU B 202 28.97 18.50 -7.18
N TRP B 203 28.71 18.69 -8.47
CA TRP B 203 28.91 17.63 -9.44
C TRP B 203 30.12 17.91 -10.33
N ASP B 204 30.78 16.83 -10.74
CA ASP B 204 31.87 16.90 -11.70
C ASP B 204 31.89 15.55 -12.43
N THR B 205 31.29 15.51 -13.60
CA THR B 205 31.21 14.27 -14.37
C THR B 205 32.57 13.73 -14.82
N ARG B 206 33.69 14.37 -14.43
CA ARG B 206 35.01 13.81 -14.72
C ARG B 206 35.46 12.82 -13.65
N CYS B 207 34.89 12.89 -12.45
CA CYS B 207 35.25 11.98 -11.36
C CYS B 207 34.47 10.67 -11.48
N PRO B 208 35.05 9.56 -11.02
CA PRO B 208 34.29 8.30 -11.00
C PRO B 208 33.01 8.41 -10.20
N LYS B 209 33.07 8.97 -8.99
CA LYS B 209 31.89 9.34 -8.23
C LYS B 209 31.64 10.82 -8.44
N PRO B 210 30.71 11.21 -9.33
CA PRO B 210 30.65 12.62 -9.75
C PRO B 210 30.07 13.56 -8.71
N ALA B 211 29.35 13.08 -7.70
CA ALA B 211 28.70 13.96 -6.76
C ALA B 211 29.56 14.15 -5.51
N SER B 212 29.36 15.28 -4.84
CA SER B 212 30.09 15.59 -3.62
C SER B 212 29.23 16.51 -2.75
N GLN B 213 29.07 16.15 -1.48
CA GLN B 213 28.15 16.85 -0.58
C GLN B 213 28.84 18.04 0.07
N ILE B 214 28.15 19.18 0.09
CA ILE B 214 28.67 20.42 0.65
C ILE B 214 27.95 20.70 1.96
N GLY B 215 28.72 20.79 3.04
CA GLY B 215 28.15 21.04 4.35
C GLY B 215 27.58 22.43 4.52
N GLY B 220 20.70 21.71 8.51
CA GLY B 220 20.02 23.00 8.47
C GLY B 220 18.64 22.93 7.84
N TYR B 221 18.21 24.02 7.24
CA TYR B 221 16.92 24.08 6.57
C TYR B 221 17.07 23.71 5.09
N LEU B 222 15.97 23.21 4.51
CA LEU B 222 16.04 22.63 3.18
C LEU B 222 16.47 23.67 2.15
N PRO B 223 17.46 23.36 1.31
CA PRO B 223 17.86 24.30 0.25
C PRO B 223 16.83 24.34 -0.87
N THR B 224 16.63 25.52 -1.44
CA THR B 224 15.58 25.71 -2.44
C THR B 224 16.00 26.51 -3.66
N SER B 225 17.21 27.05 -3.71
CA SER B 225 17.64 27.87 -4.84
C SER B 225 19.15 28.01 -4.81
N LEU B 226 19.76 27.89 -6.00
CA LEU B 226 21.21 27.94 -6.14
C LEU B 226 21.59 28.98 -7.19
N ALA B 227 22.77 29.57 -7.02
CA ALA B 227 23.25 30.60 -7.94
C ALA B 227 24.76 30.69 -7.83
N TRP B 228 25.47 30.32 -8.90
CA TRP B 228 26.91 30.51 -8.94
C TRP B 228 27.26 32.00 -8.94
N HIS B 229 28.44 32.32 -8.41
CA HIS B 229 28.95 33.68 -8.55
C HIS B 229 29.53 33.86 -9.94
N PRO B 230 29.12 34.89 -10.68
CA PRO B 230 29.55 35.00 -12.08
C PRO B 230 31.03 35.27 -12.26
N GLN B 231 31.68 35.93 -11.30
CA GLN B 231 33.08 36.34 -11.44
C GLN B 231 34.04 35.53 -10.59
N GLN B 232 33.56 34.60 -9.77
CA GLN B 232 34.42 33.81 -8.89
C GLN B 232 34.09 32.34 -9.06
N SER B 233 35.12 31.54 -9.33
CA SER B 233 34.94 30.15 -9.73
C SER B 233 34.25 29.33 -8.65
N GLU B 234 34.89 29.19 -7.48
CA GLU B 234 34.46 28.26 -6.45
C GLU B 234 33.46 28.88 -5.46
N VAL B 235 32.71 29.90 -5.87
CA VAL B 235 31.81 30.62 -4.99
C VAL B 235 30.39 30.52 -5.52
N PHE B 236 29.45 30.20 -4.62
CA PHE B 236 28.04 30.19 -4.96
C PHE B 236 27.23 30.62 -3.75
N VAL B 237 25.94 30.86 -3.98
CA VAL B 237 25.01 31.25 -2.93
C VAL B 237 23.77 30.37 -3.04
N PHE B 238 23.14 30.12 -1.89
CA PHE B 238 21.92 29.32 -1.86
C PHE B 238 20.95 29.85 -0.82
N GLY B 239 19.66 29.78 -1.13
CA GLY B 239 18.61 30.17 -0.20
C GLY B 239 17.88 28.94 0.31
N ASP B 240 17.38 29.03 1.53
CA ASP B 240 16.66 27.93 2.17
C ASP B 240 15.17 28.25 2.26
N GLU B 241 14.40 27.23 2.65
CA GLU B 241 12.95 27.39 2.77
C GLU B 241 12.53 28.25 3.96
N ASN B 242 13.48 28.76 4.74
CA ASN B 242 13.17 29.62 5.88
C ASN B 242 13.42 31.10 5.59
N GLY B 243 13.92 31.43 4.40
CA GLY B 243 14.16 32.81 4.05
C GLY B 243 15.56 33.32 4.28
N THR B 244 16.56 32.44 4.29
CA THR B 244 17.94 32.81 4.53
C THR B 244 18.74 32.60 3.24
N VAL B 245 19.54 33.60 2.89
CA VAL B 245 20.48 33.53 1.77
C VAL B 245 21.88 33.40 2.35
N SER B 246 22.62 32.39 1.89
CA SER B 246 23.94 32.09 2.43
C SER B 246 24.99 32.16 1.33
N LEU B 247 26.21 32.54 1.73
CA LEU B 247 27.34 32.71 0.84
C LEU B 247 28.39 31.65 1.20
N VAL B 248 28.61 30.70 0.31
CA VAL B 248 29.38 29.49 0.59
C VAL B 248 30.56 29.40 -0.36
N ASP B 249 31.70 28.95 0.17
CA ASP B 249 32.93 28.71 -0.58
C ASP B 249 33.18 27.20 -0.64
N THR B 250 33.94 26.80 -1.65
CA THR B 250 34.36 25.41 -1.80
C THR B 250 35.51 25.08 -0.87
N VAL B 256 31.47 31.11 6.57
CA VAL B 256 30.20 31.21 5.88
C VAL B 256 29.48 32.50 6.29
N LEU B 257 28.88 33.17 5.32
CA LEU B 257 28.14 34.41 5.54
C LEU B 257 26.69 34.21 5.10
N SER B 258 25.75 34.66 5.93
CA SER B 258 24.34 34.46 5.65
C SER B 258 23.52 35.56 6.31
N SER B 259 22.38 35.87 5.70
CA SER B 259 21.47 36.89 6.22
C SER B 259 20.04 36.44 6.00
N ALA B 260 19.16 36.86 6.91
CA ALA B 260 17.73 36.56 6.83
C ALA B 260 17.08 37.58 5.91
N VAL B 261 16.87 37.20 4.65
CA VAL B 261 16.40 38.14 3.64
C VAL B 261 14.89 38.14 3.51
N HIS B 262 14.27 36.96 3.51
CA HIS B 262 12.83 36.83 3.32
C HIS B 262 12.20 36.11 4.50
N SER B 263 10.87 36.15 4.55
CA SER B 263 10.10 35.48 5.58
C SER B 263 9.46 34.19 5.07
N GLN B 264 9.74 33.79 3.84
CA GLN B 264 9.22 32.56 3.26
C GLN B 264 10.32 31.92 2.42
N CYS B 265 9.95 30.89 1.65
CA CYS B 265 10.91 30.16 0.84
C CYS B 265 11.55 31.06 -0.21
N VAL B 266 12.87 30.96 -0.35
CA VAL B 266 13.61 31.70 -1.36
C VAL B 266 13.50 30.94 -2.68
N THR B 267 12.75 31.49 -3.63
CA THR B 267 12.44 30.78 -4.86
C THR B 267 13.58 30.84 -5.87
N GLY B 268 14.31 31.95 -5.93
CA GLY B 268 15.37 32.09 -6.92
C GLY B 268 16.40 33.11 -6.51
N LEU B 269 17.58 32.98 -7.12
CA LEU B 269 18.70 33.88 -6.87
C LEU B 269 19.37 34.18 -8.20
N VAL B 270 19.46 35.46 -8.55
CA VAL B 270 20.06 35.89 -9.81
C VAL B 270 21.06 36.99 -9.51
N PHE B 271 22.27 36.85 -10.05
CA PHE B 271 23.28 37.90 -9.95
C PHE B 271 23.14 38.89 -11.10
N SER B 272 23.46 40.15 -10.82
CA SER B 272 23.44 41.19 -11.84
C SER B 272 24.67 41.08 -12.73
N PRO B 273 24.61 41.61 -13.95
CA PRO B 273 25.75 41.49 -14.87
C PRO B 273 26.85 42.52 -14.63
N HIS B 274 26.82 43.27 -13.53
CA HIS B 274 27.84 44.26 -13.26
C HIS B 274 29.19 43.59 -12.97
N SER B 275 30.26 44.40 -13.04
CA SER B 275 31.58 43.92 -12.69
C SER B 275 31.61 43.44 -11.24
N VAL B 276 31.17 44.30 -10.32
CA VAL B 276 30.89 43.88 -8.94
C VAL B 276 29.39 43.63 -8.85
N PRO B 277 28.94 42.38 -8.90
CA PRO B 277 27.52 42.12 -9.11
C PRO B 277 26.67 42.25 -7.85
N PHE B 278 25.40 42.55 -8.07
CA PHE B 278 24.38 42.50 -7.03
C PHE B 278 23.71 41.12 -7.02
N LEU B 279 22.87 40.89 -6.03
CA LEU B 279 22.17 39.62 -5.88
C LEU B 279 20.68 39.89 -5.74
N ALA B 280 19.91 39.48 -6.75
CA ALA B 280 18.45 39.56 -6.70
C ALA B 280 17.90 38.27 -6.11
N SER B 281 17.11 38.39 -5.03
CA SER B 281 16.51 37.26 -4.37
C SER B 281 15.00 37.44 -4.33
N LEU B 282 14.27 36.49 -4.90
CA LEU B 282 12.82 36.51 -4.92
C LEU B 282 12.28 35.33 -4.12
N SER B 283 11.12 35.52 -3.50
CA SER B 283 10.62 34.57 -2.53
C SER B 283 9.10 34.45 -2.64
N GLU B 284 8.56 33.50 -1.89
CA GLU B 284 7.13 33.30 -1.79
C GLU B 284 6.46 34.29 -0.83
N ASP B 285 7.22 35.20 -0.23
CA ASP B 285 6.63 36.26 0.57
C ASP B 285 6.18 37.45 -0.28
N CYS B 286 6.16 37.27 -1.61
CA CYS B 286 5.70 38.27 -2.57
C CYS B 286 6.57 39.53 -2.58
N SER B 287 7.86 39.38 -2.25
CA SER B 287 8.78 40.52 -2.23
C SER B 287 10.05 40.16 -2.97
N LEU B 288 10.72 41.21 -3.46
CA LEU B 288 12.01 41.10 -4.12
C LEU B 288 13.05 41.88 -3.33
N ALA B 289 14.23 41.30 -3.17
CA ALA B 289 15.32 41.98 -2.48
C ALA B 289 16.56 41.99 -3.36
N VAL B 290 17.35 43.04 -3.24
CA VAL B 290 18.61 43.19 -3.96
C VAL B 290 19.71 43.33 -2.92
N LEU B 291 20.71 42.46 -3.00
CA LEU B 291 21.80 42.42 -2.03
C LEU B 291 23.13 42.77 -2.69
N ASP B 292 24.13 43.06 -1.85
CA ASP B 292 25.45 43.42 -2.32
C ASP B 292 26.44 42.28 -2.06
N SER B 293 27.73 42.65 -1.93
CA SER B 293 28.78 41.65 -1.76
C SER B 293 28.65 40.90 -0.44
N SER B 294 28.18 41.56 0.61
CA SER B 294 28.08 40.96 1.94
C SER B 294 26.63 40.70 2.34
N LEU B 295 25.76 40.45 1.35
CA LEU B 295 24.37 40.04 1.58
C LEU B 295 23.58 41.08 2.36
N SER B 296 23.88 42.36 2.17
CA SER B 296 23.16 43.44 2.80
C SER B 296 22.11 44.01 1.85
N GLU B 297 20.97 44.39 2.40
CA GLU B 297 19.82 44.78 1.59
C GLU B 297 19.99 46.21 1.08
N LEU B 298 19.99 46.38 -0.25
CA LEU B 298 20.05 47.69 -0.88
C LEU B 298 18.74 48.13 -1.51
N PHE B 299 17.90 47.19 -1.93
CA PHE B 299 16.61 47.50 -2.54
C PHE B 299 15.58 46.51 -2.05
N ARG B 300 14.31 46.91 -2.13
CA ARG B 300 13.21 46.06 -1.67
C ARG B 300 11.96 46.47 -2.41
N SER B 301 11.39 45.55 -3.18
CA SER B 301 10.16 45.80 -3.91
C SER B 301 9.08 44.86 -3.45
N GLN B 302 7.88 45.40 -3.23
CA GLN B 302 6.69 44.61 -2.89
C GLN B 302 5.58 44.86 -3.89
N ALA B 303 5.94 45.18 -5.14
CA ALA B 303 4.96 45.44 -6.18
C ALA B 303 4.10 44.21 -6.50
N HIS B 304 4.60 43.00 -6.24
CA HIS B 304 3.85 41.80 -6.57
C HIS B 304 2.87 41.46 -5.45
N ARG B 305 1.68 40.99 -5.84
CA ARG B 305 0.66 40.57 -4.90
C ARG B 305 0.60 39.05 -4.71
N ASP B 306 1.24 38.29 -5.59
CA ASP B 306 1.35 36.84 -5.43
C ASP B 306 2.83 36.45 -5.40
N PHE B 307 3.13 35.18 -5.57
CA PHE B 307 4.50 34.70 -5.50
C PHE B 307 5.35 35.31 -6.62
N VAL B 308 6.58 35.66 -6.28
CA VAL B 308 7.56 36.14 -7.26
C VAL B 308 8.36 34.94 -7.75
N ARG B 309 8.32 34.69 -9.06
CA ARG B 309 8.82 33.43 -9.61
C ARG B 309 10.17 33.53 -10.31
N ASP B 310 10.53 34.71 -10.83
CA ASP B 310 11.79 34.83 -11.54
C ASP B 310 12.21 36.29 -11.59
N ALA B 311 13.48 36.50 -11.90
CA ALA B 311 14.02 37.83 -12.11
C ALA B 311 15.09 37.73 -13.19
N THR B 312 15.18 38.75 -14.03
CA THR B 312 16.16 38.78 -15.10
C THR B 312 16.68 40.21 -15.28
N TRP B 313 17.99 40.35 -15.42
CA TRP B 313 18.62 41.65 -15.57
C TRP B 313 18.72 42.02 -17.04
N SER B 314 18.36 43.25 -17.37
CA SER B 314 18.45 43.71 -18.74
C SER B 314 19.90 43.80 -19.17
N PRO B 315 20.27 43.25 -20.34
CA PRO B 315 21.64 43.42 -20.84
C PRO B 315 21.93 44.82 -21.33
N LEU B 316 20.91 45.57 -21.77
CA LEU B 316 21.11 46.92 -22.26
C LEU B 316 21.29 47.90 -21.11
N ASN B 317 20.29 47.99 -20.23
CA ASN B 317 20.35 48.86 -19.06
C ASN B 317 20.65 47.97 -17.86
N HIS B 318 21.89 48.05 -17.36
CA HIS B 318 22.33 47.18 -16.27
C HIS B 318 21.60 47.46 -14.96
N SER B 319 20.91 48.59 -14.84
CA SER B 319 20.19 48.92 -13.61
C SER B 319 18.72 48.50 -13.64
N LEU B 320 18.16 48.19 -14.80
CA LEU B 320 16.78 47.76 -14.89
C LEU B 320 16.68 46.27 -14.58
N LEU B 321 15.72 45.90 -13.73
CA LEU B 321 15.48 44.52 -13.35
C LEU B 321 14.01 44.17 -13.57
N THR B 322 13.77 43.04 -14.22
CA THR B 322 12.43 42.61 -14.58
C THR B 322 12.05 41.39 -13.75
N THR B 323 10.89 41.45 -13.10
CA THR B 323 10.39 40.35 -12.28
C THR B 323 8.96 40.01 -12.69
N VAL B 324 8.63 38.72 -12.67
CA VAL B 324 7.29 38.25 -12.96
C VAL B 324 6.83 37.37 -11.81
N GLY B 325 5.52 37.16 -11.75
CA GLY B 325 4.94 36.33 -10.71
C GLY B 325 3.59 35.79 -11.10
N TRP B 326 2.94 35.13 -10.14
CA TRP B 326 1.64 34.51 -10.37
C TRP B 326 0.49 35.52 -10.34
N ASP B 327 0.76 36.79 -10.06
CA ASP B 327 -0.24 37.83 -10.19
C ASP B 327 -0.34 38.39 -11.60
N HIS B 328 0.29 37.72 -12.57
CA HIS B 328 0.28 38.13 -13.98
C HIS B 328 0.88 39.53 -14.16
N GLN B 329 1.85 39.88 -13.32
CA GLN B 329 2.51 41.18 -13.39
C GLN B 329 3.94 41.02 -13.92
N VAL B 330 4.32 41.92 -14.81
CA VAL B 330 5.68 42.03 -15.32
C VAL B 330 6.18 43.40 -14.91
N VAL B 331 6.93 43.46 -13.81
CA VAL B 331 7.39 44.72 -13.23
C VAL B 331 8.79 45.02 -13.72
N HIS B 332 9.05 46.29 -14.04
CA HIS B 332 10.37 46.78 -14.45
C HIS B 332 10.92 47.67 -13.34
N HIS B 333 11.82 47.11 -12.54
CA HIS B 333 12.41 47.85 -11.43
C HIS B 333 13.61 48.66 -11.90
N VAL B 334 13.78 49.83 -11.32
CA VAL B 334 14.98 50.64 -11.49
C VAL B 334 15.78 50.54 -10.20
N VAL B 335 16.78 49.66 -10.20
CA VAL B 335 17.55 49.39 -8.99
C VAL B 335 18.61 50.47 -8.82
N PRO B 336 18.61 51.20 -7.71
CA PRO B 336 19.64 52.22 -7.48
C PRO B 336 21.00 51.56 -7.26
N THR B 337 22.01 52.06 -7.96
CA THR B 337 23.35 51.51 -7.86
C THR B 337 24.34 52.52 -7.30
N1 NXF C . -18.11 -23.73 12.91
N12 NXF C . -15.24 -23.83 8.62
C13 NXF C . -17.78 -23.54 8.30
C15 NXF C . -20.58 -22.73 6.09
C17 NXF C . -16.37 -23.70 8.47
N NXF C . -18.37 -23.19 11.69
C NXF C . -18.68 -23.73 9.32
O NXF C . -16.44 -26.93 7.01
C1 NXF C . -19.77 -23.08 7.18
C12 NXF C . -18.42 -24.12 10.70
C14 NXF C . -18.38 -23.16 7.08
C16 NXF C . -18.18 -25.32 11.32
C18 NXF C . -17.80 -22.88 5.83
C19 NXF C . -19.98 -22.46 4.88
C1A NXF C . -18.56 -21.75 11.53
C1B NXF C . -18.13 -26.65 10.73
C1C NXF C . -18.00 -25.01 12.67
C1D NXF C . -18.59 -22.53 4.75
C1E NXF C . -18.42 -27.79 11.48
C1F NXF C . -17.78 -26.83 9.39
C1G NXF C . -18.39 -29.08 10.93
C1H NXF C . -17.73 -28.09 8.80
C1I NXF C . -18.03 -29.26 9.56
C1K NXF C . -17.31 -28.04 7.32
C1L NXF C . -18.70 -30.25 11.73
C1M NXF C . -18.01 -30.63 9.06
C1N NXF C . -19.09 -30.12 13.20
C1O NXF C . -18.38 -28.03 6.23
C1P NXF C . -16.54 -26.59 5.60
C1Q NXF C . -17.66 -27.46 4.99
N13 NXF C . -18.67 -31.45 11.25
N14 NXF C . -18.33 -31.64 9.93
N15 NXF C . -18.69 -31.27 14.12
O1 NXF C . -17.75 -31.05 7.93
S NXF C . -20.31 -23.46 8.78
CS MTA D . -22.00 -33.65 12.11
S5' MTA D . -22.28 -32.20 13.16
C5' MTA D . -22.58 -33.03 14.74
C4' MTA D . -23.89 -33.79 14.73
O4' MTA D . -24.04 -34.58 15.90
C2' MTA D . -25.54 -32.82 16.13
O2' MTA D . -26.91 -32.61 16.35
C3' MTA D . -25.12 -32.89 14.66
O3' MTA D . -26.09 -33.52 13.88
C1' MTA D . -25.19 -34.23 16.61
N9 MTA D . -24.93 -34.29 18.03
C8 MTA D . -24.11 -33.49 18.76
N7 MTA D . -24.07 -33.77 20.03
C5 MTA D . -24.93 -34.83 20.15
C6 MTA D . -25.34 -35.60 21.26
N6 MTA D . -24.88 -35.40 22.49
N1 MTA D . -26.21 -36.60 21.04
C2 MTA D . -26.65 -36.80 19.80
N3 MTA D . -26.35 -36.15 18.70
C4 MTA D . -25.48 -35.17 18.92
#